data_5YVH
#
_entry.id   5YVH
#
_cell.length_a   129.425
_cell.length_b   156.532
_cell.length_c   67.822
_cell.angle_alpha   90.00
_cell.angle_beta   90.00
_cell.angle_gamma   90.00
#
_symmetry.space_group_name_H-M   'P 21 21 2'
#
loop_
_entity.id
_entity.type
_entity.pdbx_description
1 polymer Transportin-1
2 polymer 'RNA-binding protein FUS'
#
loop_
_entity_poly.entity_id
_entity_poly.type
_entity_poly.pdbx_seq_one_letter_code
_entity_poly.pdbx_strand_id
1 'polypeptide(L)'
;GSMEYEWKPDEQGLQQILQLLKESQSPDTTIQRTVQQKLEQLNQYPDFNNYLIFVLTKLKSEDEPTRSLSGLILKNNVKA
HFQNFPNGVTDFIKSECLNNIGDSSPLIRATVGILITTIASKGELQNWPDLLPKLCSLLDSEDYNTCEGAFGALQKICED
SAEILDSDVLDRPLNIMIPKFLQFFKHSSPKIRSHAVACVNQFIISRTQALMLHIDSFIENLFALAGDEEPEVRKNVCRA
LVMLLEVRMDRLLPHMHNIVEYMLQRTQDQDENVALEACEFWLTLAEQPICKDVLVRHLPKLIPVLVNGMKYSDIDIILL
KGDVEEDETIPDSEQDIRGGSGGSGDTISDWNLRKCSAAALDVLANVYRDELLPHILPLLKELLFHHEWVVKESGILVLG
AIAEGCMQGMIPYLPELIPHLIQCLSDKKALVRSITCWTLSRYAHWVVSQPPDTYLKPLMTELLKRILDSNKRVQEAACS
AFATLEEEACTELVPYLAYILDTLVFAFSKYQHKNLLILYDAIGTLADSVGHHLNKPEYIQMLMPPLIQKWNMLKDEDKD
LFPLLECLSSVATALQSGFLPYCEPVYQRCVNLVQKTLAQAMLNNAQPDQYEAPDKDFMIVALDLLSGLAEGLGGNIEQL
VARSNILTLMYQCMQDKMPEVRQSSFALLGDLTKACFQHVKPCIADFMPILGTNLNPEFISVCNNATWAIGEISIQMGIE
MQPYIPMVLHQLVEIINRPNTPKTLLENTAITIGRLGYVCPQEVAPMLQQFIRPWCTSLRNIRDNEEKDSAFRGICTMIS
VNPSGVIQDFIFFCDAVASWINPKDDLRDMFCKILHGFKNQVGDENWRRFSDQFPLPLKERLAAFYGV
;
A
2 'polypeptide(L)'
;GSRRADFNRGGGNGRGGRGRGGPMGRGGYGGGGSGGGGRGGFPSGGGGGGGQQRAGDWKCPNPTCENMNFSWRNECNQCK
APKPDGPGGGPGGSHMGGNYGDDRRGGRGGYDRGGYRGRGGDRGGFRGGRGGGDRGGFGPGKMDSRGEHRQDRRERPY
;
B
#
# COMPACT_ATOMS: atom_id res chain seq x y z
N TRP A 7 43.51 8.34 -28.15
CA TRP A 7 44.87 8.08 -28.59
C TRP A 7 45.00 8.16 -30.11
N LYS A 8 44.11 7.47 -30.81
CA LYS A 8 44.26 7.25 -32.24
C LYS A 8 43.07 7.76 -33.04
N PRO A 9 42.65 9.01 -32.90
CA PRO A 9 41.57 9.53 -33.76
C PRO A 9 42.16 9.88 -35.12
N ASP A 10 41.60 9.30 -36.18
CA ASP A 10 42.03 9.61 -37.54
C ASP A 10 40.97 10.37 -38.32
N GLU A 11 41.45 11.11 -39.32
CA GLU A 11 40.61 12.10 -40.00
C GLU A 11 39.38 11.47 -40.64
N GLN A 12 39.57 10.34 -41.35
CA GLN A 12 38.42 9.66 -41.97
C GLN A 12 37.39 9.28 -40.91
N GLY A 13 37.84 8.67 -39.82
CA GLY A 13 36.93 8.30 -38.76
C GLY A 13 36.21 9.50 -38.18
N LEU A 14 36.96 10.58 -37.91
CA LEU A 14 36.35 11.75 -37.29
C LEU A 14 35.34 12.38 -38.25
N GLN A 15 35.70 12.50 -39.52
CA GLN A 15 34.76 13.07 -40.50
C GLN A 15 33.50 12.22 -40.59
N GLN A 16 33.66 10.90 -40.48
CA GLN A 16 32.53 10.00 -40.60
C GLN A 16 31.59 10.11 -39.41
N ILE A 17 32.14 10.18 -38.20
CA ILE A 17 31.30 10.28 -37.01
C ILE A 17 30.64 11.65 -36.92
N LEU A 18 31.42 12.71 -37.13
CA LEU A 18 30.85 14.05 -37.19
C LEU A 18 29.76 14.12 -38.25
N GLN A 19 29.99 13.51 -39.41
CA GLN A 19 28.98 13.43 -40.44
C GLN A 19 27.71 12.77 -39.89
N LEU A 20 27.86 11.66 -39.18
CA LEU A 20 26.68 11.00 -38.61
C LEU A 20 25.95 11.85 -37.60
N LEU A 21 26.69 12.60 -36.78
CA LEU A 21 26.03 13.49 -35.82
C LEU A 21 25.28 14.61 -36.54
N LYS A 22 25.90 15.21 -37.55
CA LYS A 22 25.20 16.21 -38.36
C LYS A 22 23.94 15.62 -38.99
N GLU A 23 24.05 14.41 -39.56
CA GLU A 23 22.88 13.81 -40.20
C GLU A 23 21.80 13.50 -39.17
N SER A 24 22.20 13.17 -37.94
CA SER A 24 21.25 12.92 -36.87
C SER A 24 20.56 14.19 -36.45
N GLN A 25 21.13 15.34 -36.79
CA GLN A 25 20.55 16.63 -36.45
C GLN A 25 19.72 17.19 -37.59
N SER A 26 19.49 16.41 -38.65
CA SER A 26 18.66 16.86 -39.75
C SER A 26 17.21 16.97 -39.33
N PRO A 27 16.51 18.02 -39.75
CA PRO A 27 15.07 18.10 -39.48
C PRO A 27 14.26 17.07 -40.24
N ASP A 28 14.81 16.52 -41.31
CA ASP A 28 14.13 15.51 -42.11
C ASP A 28 13.95 14.24 -41.30
N THR A 29 12.73 13.70 -41.33
CA THR A 29 12.35 12.55 -40.51
C THR A 29 12.94 11.26 -41.05
N THR A 30 13.04 11.12 -42.38
CA THR A 30 13.60 9.89 -42.94
C THR A 30 15.10 9.79 -42.69
N ILE A 31 15.85 10.87 -42.92
CA ILE A 31 17.28 10.88 -42.58
C ILE A 31 17.51 10.47 -41.12
N GLN A 32 16.64 10.91 -40.21
CA GLN A 32 16.75 10.53 -38.80
C GLN A 32 16.65 9.03 -38.60
N ARG A 33 15.60 8.41 -39.18
CA ARG A 33 15.35 6.99 -38.97
C ARG A 33 16.51 6.12 -39.48
N THR A 34 17.14 6.52 -40.58
CA THR A 34 18.26 5.75 -41.09
C THR A 34 19.53 6.04 -40.31
N VAL A 35 19.64 7.24 -39.75
CA VAL A 35 20.73 7.51 -38.81
C VAL A 35 20.55 6.64 -37.59
N GLN A 36 19.29 6.40 -37.20
CA GLN A 36 18.99 5.51 -36.09
C GLN A 36 19.53 4.13 -36.36
N GLN A 37 19.25 3.54 -37.53
CA GLN A 37 19.81 2.21 -37.76
C GLN A 37 21.34 2.22 -37.88
N LYS A 38 21.92 3.30 -38.41
CA LYS A 38 23.37 3.39 -38.52
C LYS A 38 24.05 3.44 -37.16
N LEU A 39 23.50 4.21 -36.21
CA LEU A 39 24.02 4.21 -34.85
C LEU A 39 23.72 2.89 -34.17
N GLU A 40 22.53 2.34 -34.41
CA GLU A 40 22.17 1.02 -33.92
C GLU A 40 23.31 0.03 -34.19
N GLN A 41 23.84 0.06 -35.40
CA GLN A 41 24.92 -0.88 -35.71
C GLN A 41 26.23 -0.44 -35.06
N LEU A 42 26.59 0.83 -35.21
CA LEU A 42 27.89 1.32 -34.73
C LEU A 42 28.10 1.19 -33.23
N ASN A 43 27.06 1.34 -32.41
CA ASN A 43 27.23 1.38 -30.96
C ASN A 43 27.88 0.12 -30.38
N GLN A 44 27.74 -1.03 -31.03
CA GLN A 44 28.31 -2.26 -30.51
C GLN A 44 29.82 -2.38 -30.71
N TYR A 45 30.46 -1.44 -31.41
CA TYR A 45 31.89 -1.40 -31.64
C TYR A 45 32.57 -0.38 -30.72
N PRO A 46 33.24 -0.82 -29.65
CA PRO A 46 33.85 0.12 -28.67
C PRO A 46 34.63 1.32 -29.20
N ASP A 47 35.34 1.18 -30.34
CA ASP A 47 36.11 2.32 -30.83
C ASP A 47 35.18 3.47 -31.14
N PHE A 48 33.93 3.16 -31.51
CA PHE A 48 32.98 4.23 -31.81
C PHE A 48 32.74 5.07 -30.56
N ASN A 49 32.51 4.41 -29.41
CA ASN A 49 32.41 5.12 -28.14
C ASN A 49 33.65 5.97 -27.86
N ASN A 50 34.83 5.45 -28.22
CA ASN A 50 36.04 6.25 -28.06
C ASN A 50 35.95 7.53 -28.89
N TYR A 51 35.34 7.44 -30.07
CA TYR A 51 35.20 8.62 -30.91
C TYR A 51 34.19 9.57 -30.30
N LEU A 52 33.09 9.04 -29.76
CA LEU A 52 32.04 9.86 -29.18
C LEU A 52 32.57 10.69 -28.01
N ILE A 53 33.23 10.04 -27.05
CA ILE A 53 33.80 10.80 -25.94
C ILE A 53 34.82 11.79 -26.48
N PHE A 54 35.60 11.39 -27.50
CA PHE A 54 36.59 12.32 -28.05
C PHE A 54 35.92 13.59 -28.58
N VAL A 55 34.80 13.45 -29.29
CA VAL A 55 34.07 14.60 -29.81
C VAL A 55 33.51 15.45 -28.67
N LEU A 56 33.03 14.79 -27.61
CA LEU A 56 32.48 15.55 -26.47
C LEU A 56 33.57 16.41 -25.85
N THR A 57 34.66 15.80 -25.41
CA THR A 57 35.62 16.47 -24.56
C THR A 57 36.75 17.15 -25.33
N LYS A 58 37.18 16.57 -26.45
CA LYS A 58 38.35 17.15 -27.11
C LYS A 58 38.00 18.14 -28.24
N LEU A 59 37.01 17.88 -29.10
CA LEU A 59 36.78 18.77 -30.25
C LEU A 59 36.22 20.12 -29.85
N LYS A 60 37.09 21.00 -29.35
CA LYS A 60 36.67 22.36 -29.04
C LYS A 60 36.05 23.02 -30.26
N SER A 61 36.55 22.67 -31.46
CA SER A 61 36.08 23.27 -32.71
C SER A 61 34.57 23.13 -32.89
N GLU A 62 34.02 21.97 -32.57
CA GLU A 62 32.63 21.69 -32.90
C GLU A 62 31.70 22.39 -31.94
N ASP A 63 30.51 22.74 -32.43
CA ASP A 63 29.55 23.46 -31.61
C ASP A 63 28.99 22.57 -30.49
N GLU A 64 28.27 23.23 -29.58
CA GLU A 64 27.82 22.57 -28.36
C GLU A 64 26.76 21.48 -28.58
N PRO A 65 25.72 21.67 -29.38
CA PRO A 65 24.75 20.57 -29.54
C PRO A 65 25.34 19.33 -30.19
N THR A 66 26.42 19.45 -30.98
CA THR A 66 27.04 18.27 -31.55
C THR A 66 27.84 17.52 -30.50
N ARG A 67 28.70 18.24 -29.77
CA ARG A 67 29.47 17.64 -28.68
C ARG A 67 28.54 16.99 -27.67
N SER A 68 27.41 17.64 -27.40
CA SER A 68 26.52 17.17 -26.36
C SER A 68 25.73 15.97 -26.87
N LEU A 69 25.35 15.99 -28.15
CA LEU A 69 24.62 14.85 -28.69
C LEU A 69 25.51 13.61 -28.69
N SER A 70 26.78 13.78 -29.10
CA SER A 70 27.77 12.72 -28.95
C SER A 70 27.83 12.19 -27.51
N GLY A 71 27.92 13.11 -26.55
CA GLY A 71 27.94 12.68 -25.15
C GLY A 71 26.72 11.89 -24.74
N LEU A 72 25.56 12.24 -25.27
CA LEU A 72 24.34 11.61 -24.80
C LEU A 72 24.15 10.26 -25.46
N ILE A 73 24.44 10.15 -26.76
CA ILE A 73 24.44 8.85 -27.42
C ILE A 73 25.37 7.90 -26.67
N LEU A 74 26.59 8.35 -26.40
CA LEU A 74 27.53 7.59 -25.57
C LEU A 74 26.87 7.17 -24.26
N LYS A 75 26.17 8.09 -23.60
CA LYS A 75 25.51 7.74 -22.35
C LYS A 75 24.52 6.60 -22.55
N ASN A 76 23.73 6.66 -23.62
CA ASN A 76 22.80 5.58 -23.89
C ASN A 76 23.52 4.26 -24.10
N ASN A 77 24.66 4.28 -24.82
CA ASN A 77 25.42 3.06 -25.02
C ASN A 77 25.92 2.48 -23.70
N VAL A 78 26.36 3.35 -22.79
CA VAL A 78 26.88 2.99 -21.47
C VAL A 78 25.77 2.52 -20.53
N LYS A 79 24.53 2.44 -21.02
CA LYS A 79 23.46 1.94 -20.16
C LYS A 79 22.62 0.87 -20.83
N ALA A 80 23.16 0.21 -21.84
CA ALA A 80 22.53 -0.93 -22.48
C ALA A 80 23.59 -1.89 -22.98
N HIS A 81 24.85 -1.46 -22.88
CA HIS A 81 25.96 -2.24 -23.43
C HIS A 81 27.21 -2.17 -22.56
N PHE A 82 27.14 -1.62 -21.35
CA PHE A 82 28.34 -1.32 -20.58
C PHE A 82 29.11 -2.56 -20.16
N GLN A 83 28.43 -3.69 -19.91
CA GLN A 83 29.13 -4.93 -19.59
C GLN A 83 30.17 -5.30 -20.65
N ASN A 84 29.83 -5.14 -21.92
CA ASN A 84 30.70 -5.55 -23.00
C ASN A 84 31.74 -4.49 -23.35
N PHE A 85 31.82 -3.41 -22.58
CA PHE A 85 32.90 -2.45 -22.76
C PHE A 85 34.21 -3.04 -22.24
N PRO A 86 35.28 -3.03 -23.03
CA PRO A 86 36.61 -3.28 -22.46
C PRO A 86 37.09 -2.13 -21.60
N ASN A 87 38.09 -2.43 -20.77
CA ASN A 87 38.59 -1.46 -19.80
C ASN A 87 39.31 -0.28 -20.44
N GLY A 88 40.01 -0.49 -21.55
CA GLY A 88 40.76 0.61 -22.15
C GLY A 88 39.89 1.78 -22.57
N VAL A 89 38.72 1.47 -23.15
CA VAL A 89 37.79 2.51 -23.55
C VAL A 89 37.10 3.14 -22.34
N THR A 90 36.53 2.29 -21.47
CA THR A 90 35.95 2.76 -20.22
C THR A 90 36.88 3.76 -19.55
N ASP A 91 38.13 3.36 -19.30
CA ASP A 91 39.09 4.21 -18.60
C ASP A 91 39.38 5.49 -19.38
N PHE A 92 39.26 5.44 -20.71
CA PHE A 92 39.49 6.65 -21.48
C PHE A 92 38.35 7.63 -21.29
N ILE A 93 37.13 7.09 -21.21
CA ILE A 93 35.96 7.91 -20.93
C ILE A 93 36.04 8.47 -19.52
N LYS A 94 36.29 7.62 -18.54
CA LYS A 94 36.40 8.06 -17.15
C LYS A 94 37.40 9.21 -17.02
N SER A 95 38.62 9.00 -17.50
CA SER A 95 39.65 10.05 -17.45
C SER A 95 39.12 11.33 -18.07
N GLU A 96 38.49 11.23 -19.24
CA GLU A 96 38.12 12.45 -19.95
C GLU A 96 36.98 13.17 -19.25
N CYS A 97 36.07 12.42 -18.63
CA CYS A 97 34.98 12.98 -17.84
C CYS A 97 35.54 13.74 -16.66
N LEU A 98 36.17 13.05 -15.70
CA LEU A 98 36.70 13.78 -14.55
C LEU A 98 37.61 14.93 -14.97
N ASN A 99 38.27 14.82 -16.11
CA ASN A 99 39.12 15.91 -16.59
C ASN A 99 38.36 17.06 -17.23
N ASN A 100 37.09 16.89 -17.58
CA ASN A 100 36.30 17.94 -18.21
C ASN A 100 35.05 18.33 -17.42
N ILE A 101 34.92 17.88 -16.17
CA ILE A 101 33.74 18.10 -15.32
C ILE A 101 33.34 19.58 -15.21
N GLY A 102 34.27 20.49 -15.44
CA GLY A 102 33.98 21.89 -15.29
C GLY A 102 34.07 22.70 -16.57
N ASP A 103 33.64 22.13 -17.68
CA ASP A 103 33.73 22.82 -18.96
C ASP A 103 32.84 24.07 -18.94
N SER A 104 33.38 25.18 -19.43
CA SER A 104 32.71 26.47 -19.41
C SER A 104 31.39 26.49 -20.16
N SER A 105 31.11 25.50 -20.97
CA SER A 105 29.77 25.41 -21.54
C SER A 105 28.85 24.67 -20.57
N PRO A 106 27.72 25.27 -20.20
CA PRO A 106 26.79 24.57 -19.31
C PRO A 106 26.24 23.30 -19.90
N LEU A 107 25.98 23.28 -21.20
CA LEU A 107 25.47 22.06 -21.83
C LEU A 107 26.51 20.95 -21.81
N ILE A 108 27.76 21.27 -22.13
CA ILE A 108 28.83 20.28 -22.01
C ILE A 108 28.97 19.80 -20.58
N ARG A 109 29.03 20.75 -19.63
CA ARG A 109 29.16 20.41 -18.22
C ARG A 109 28.06 19.44 -17.78
N ALA A 110 26.82 19.75 -18.14
CA ALA A 110 25.68 18.90 -17.81
C ALA A 110 25.81 17.52 -18.43
N THR A 111 26.26 17.48 -19.70
CA THR A 111 26.40 16.20 -20.38
C THR A 111 27.44 15.32 -19.72
N VAL A 112 28.63 15.88 -19.44
CA VAL A 112 29.66 15.16 -18.69
C VAL A 112 29.09 14.65 -17.38
N GLY A 113 28.28 15.46 -16.71
CA GLY A 113 27.70 15.03 -15.45
C GLY A 113 26.82 13.81 -15.61
N ILE A 114 25.92 13.84 -16.59
CA ILE A 114 25.07 12.68 -16.82
C ILE A 114 25.93 11.46 -17.11
N LEU A 115 27.04 11.66 -17.83
CA LEU A 115 27.93 10.56 -18.16
C LEU A 115 28.50 9.90 -16.89
N ILE A 116 29.18 10.70 -16.07
CA ILE A 116 29.70 10.23 -14.77
C ILE A 116 28.63 9.47 -13.97
N THR A 117 27.51 10.12 -13.71
CA THR A 117 26.51 9.50 -12.85
C THR A 117 25.94 8.23 -13.48
N THR A 118 25.80 8.19 -14.80
CA THR A 118 25.26 6.99 -15.44
C THR A 118 26.27 5.85 -15.37
N ILE A 119 27.56 6.16 -15.51
CA ILE A 119 28.61 5.15 -15.36
C ILE A 119 28.56 4.55 -13.94
N ALA A 120 28.71 5.42 -12.93
CA ALA A 120 28.59 4.98 -11.53
C ALA A 120 27.36 4.11 -11.33
N SER A 121 26.22 4.52 -11.87
CA SER A 121 24.97 3.77 -11.83
C SER A 121 25.16 2.38 -12.41
N LYS A 122 25.31 2.29 -13.74
CA LYS A 122 25.18 1.03 -14.48
C LYS A 122 26.22 0.02 -14.02
N GLY A 123 27.44 0.46 -13.79
CA GLY A 123 28.53 -0.43 -13.43
C GLY A 123 28.87 0.16 -12.09
N GLU A 124 28.70 -0.67 -11.05
CA GLU A 124 28.64 -0.19 -9.68
C GLU A 124 29.85 0.63 -9.28
N LEU A 125 29.61 1.49 -8.28
CA LEU A 125 30.59 2.35 -7.63
C LEU A 125 31.88 1.69 -7.20
N GLN A 126 32.00 0.35 -7.19
CA GLN A 126 33.36 -0.07 -6.91
C GLN A 126 34.14 -0.37 -8.17
N ASN A 127 33.47 -0.62 -9.29
CA ASN A 127 34.26 -0.84 -10.49
C ASN A 127 35.02 0.44 -10.82
N TRP A 128 34.61 1.56 -10.21
CA TRP A 128 35.27 2.85 -10.26
C TRP A 128 35.77 3.20 -8.87
N PRO A 129 36.91 2.66 -8.46
CA PRO A 129 37.29 2.77 -7.05
C PRO A 129 37.61 4.18 -6.62
N ASP A 130 38.01 5.04 -7.56
CA ASP A 130 38.56 6.34 -7.29
C ASP A 130 37.66 7.48 -7.80
N LEU A 131 36.40 7.18 -8.13
CA LEU A 131 35.49 8.26 -8.51
C LEU A 131 35.30 9.23 -7.35
N LEU A 132 34.73 8.75 -6.25
CA LEU A 132 34.48 9.60 -5.08
C LEU A 132 35.71 10.36 -4.59
N PRO A 133 36.86 9.73 -4.33
CA PRO A 133 38.02 10.51 -3.86
C PRO A 133 38.40 11.66 -4.78
N LYS A 134 38.46 11.43 -6.09
CA LYS A 134 38.80 12.54 -6.98
C LYS A 134 37.72 13.61 -6.97
N LEU A 135 36.46 13.22 -7.00
CA LEU A 135 35.38 14.18 -6.96
C LEU A 135 35.47 15.06 -5.71
N CYS A 136 35.63 14.40 -4.55
CA CYS A 136 35.81 15.10 -3.28
C CYS A 136 36.96 16.09 -3.34
N SER A 137 38.15 15.65 -3.78
CA SER A 137 39.27 16.57 -3.88
C SER A 137 38.97 17.69 -4.88
N LEU A 138 38.17 17.39 -5.89
CA LEU A 138 37.73 18.39 -6.87
C LEU A 138 36.81 19.44 -6.27
N LEU A 139 36.22 19.18 -5.10
CA LEU A 139 35.50 20.25 -4.43
C LEU A 139 36.42 21.39 -4.02
N ASP A 140 37.63 21.07 -3.58
CA ASP A 140 38.57 22.09 -3.11
C ASP A 140 39.12 22.96 -4.24
N SER A 141 38.97 22.54 -5.50
CA SER A 141 39.55 23.27 -6.62
C SER A 141 39.11 24.73 -6.62
N GLU A 142 39.78 25.52 -7.47
CA GLU A 142 39.54 26.95 -7.54
C GLU A 142 38.36 27.28 -8.44
N ASP A 143 38.43 26.90 -9.71
CA ASP A 143 37.44 27.33 -10.68
C ASP A 143 36.05 26.90 -10.23
N TYR A 144 35.13 27.85 -10.23
CA TYR A 144 33.77 27.66 -9.74
C TYR A 144 33.10 26.48 -10.43
N ASN A 145 33.06 26.53 -11.77
CA ASN A 145 32.41 25.48 -12.55
C ASN A 145 32.90 24.09 -12.16
N THR A 146 34.19 23.97 -11.82
CA THR A 146 34.74 22.68 -11.45
C THR A 146 34.10 22.16 -10.17
N CYS A 147 34.03 23.01 -9.15
CA CYS A 147 33.42 22.62 -7.87
C CYS A 147 31.92 22.40 -8.02
N GLU A 148 31.23 23.28 -8.75
CA GLU A 148 29.82 23.06 -9.05
C GLU A 148 29.59 21.70 -9.71
N GLY A 149 30.35 21.40 -10.76
CA GLY A 149 30.20 20.13 -11.44
C GLY A 149 30.44 18.93 -10.54
N ALA A 150 31.48 19.00 -9.73
CA ALA A 150 31.77 17.89 -8.84
C ALA A 150 30.66 17.71 -7.82
N PHE A 151 30.20 18.81 -7.21
CA PHE A 151 29.11 18.71 -6.26
C PHE A 151 27.87 18.12 -6.94
N GLY A 152 27.52 18.62 -8.14
CA GLY A 152 26.38 18.06 -8.84
C GLY A 152 26.47 16.56 -9.00
N ALA A 153 27.66 16.08 -9.38
CA ALA A 153 27.86 14.64 -9.55
C ALA A 153 27.66 13.91 -8.22
N LEU A 154 28.36 14.36 -7.16
CA LEU A 154 28.19 13.73 -5.85
C LEU A 154 26.73 13.70 -5.44
N GLN A 155 26.04 14.84 -5.58
CA GLN A 155 24.63 14.90 -5.23
C GLN A 155 23.85 13.80 -5.92
N LYS A 156 24.02 13.67 -7.25
CA LYS A 156 23.29 12.59 -7.91
C LYS A 156 23.68 11.22 -7.38
N ILE A 157 24.98 11.02 -7.14
CA ILE A 157 25.44 9.72 -6.62
C ILE A 157 24.79 9.42 -5.28
N CYS A 158 24.82 10.38 -4.36
CA CYS A 158 24.18 10.20 -3.07
C CYS A 158 22.68 9.95 -3.21
N GLU A 159 22.10 10.51 -4.24
CA GLU A 159 20.70 10.38 -4.40
C GLU A 159 20.35 8.98 -4.69
N ASP A 160 20.92 8.40 -5.70
CA ASP A 160 20.57 7.04 -6.06
C ASP A 160 21.47 5.95 -5.60
N SER A 161 22.64 6.30 -5.14
CA SER A 161 23.56 5.32 -4.66
C SER A 161 23.63 5.39 -3.16
N ALA A 162 22.58 5.81 -2.50
CA ALA A 162 22.57 6.02 -1.08
C ALA A 162 23.11 5.00 -0.11
N GLU A 163 23.06 3.72 -0.50
CA GLU A 163 23.55 2.65 0.35
C GLU A 163 25.08 2.61 0.36
N ILE A 164 25.70 3.77 0.40
CA ILE A 164 27.16 3.87 0.42
C ILE A 164 27.72 3.67 1.83
N LEU A 165 26.87 3.84 2.83
CA LEU A 165 27.29 3.68 4.22
C LEU A 165 26.88 2.32 4.77
N ASP A 166 25.65 1.91 4.48
CA ASP A 166 25.14 0.62 4.96
C ASP A 166 25.81 -0.55 4.25
N SER A 167 26.30 -0.33 3.03
CA SER A 167 26.98 -1.39 2.30
C SER A 167 28.44 -1.57 2.74
N ASP A 168 29.20 -0.48 2.73
CA ASP A 168 30.63 -0.51 3.05
C ASP A 168 31.37 -1.36 2.01
N VAL A 169 31.01 -1.20 0.74
CA VAL A 169 31.72 -1.87 -0.33
C VAL A 169 32.97 -1.14 -0.81
N LEU A 170 32.95 0.20 -0.72
CA LEU A 170 34.07 1.03 -1.10
C LEU A 170 34.83 1.53 0.13
N ASP A 171 34.75 0.74 1.21
CA ASP A 171 35.40 1.04 2.49
C ASP A 171 35.07 2.40 3.11
N ARG A 172 33.91 2.47 3.75
CA ARG A 172 33.44 3.69 4.42
C ARG A 172 33.51 4.94 3.53
N PRO A 173 32.63 4.99 2.53
CA PRO A 173 32.61 6.12 1.59
C PRO A 173 31.80 7.33 2.07
N LEU A 174 31.65 7.52 3.38
CA LEU A 174 30.91 8.67 3.87
C LEU A 174 31.58 9.34 5.05
N ASN A 175 32.49 8.64 5.73
CA ASN A 175 33.23 9.15 6.87
C ASN A 175 34.18 10.25 6.44
N ILE A 176 34.26 10.51 5.15
CA ILE A 176 35.11 11.55 4.59
C ILE A 176 34.24 12.61 3.95
N MET A 177 33.25 12.18 3.17
CA MET A 177 32.40 13.08 2.42
C MET A 177 31.57 13.96 3.32
N ILE A 178 30.83 13.36 4.28
CA ILE A 178 29.92 14.17 5.09
C ILE A 178 30.62 15.33 5.79
N PRO A 179 31.69 15.14 6.58
CA PRO A 179 32.35 16.32 7.14
C PRO A 179 32.89 17.25 6.07
N LYS A 180 32.83 16.84 4.82
CA LYS A 180 33.37 17.68 3.79
C LYS A 180 32.24 18.45 3.20
N PHE A 181 31.05 17.88 3.22
CA PHE A 181 29.92 18.64 2.74
C PHE A 181 29.70 19.74 3.75
N LEU A 182 29.72 19.36 5.04
CA LEU A 182 29.43 20.32 6.09
C LEU A 182 30.44 21.45 6.10
N GLN A 183 31.60 21.26 5.47
CA GLN A 183 32.52 22.40 5.36
C GLN A 183 31.98 23.47 4.41
N PHE A 184 31.13 23.08 3.45
CA PHE A 184 30.60 23.93 2.38
C PHE A 184 29.23 24.55 2.66
N PHE A 185 28.58 24.23 3.76
CA PHE A 185 27.43 25.02 4.18
C PHE A 185 27.74 26.52 4.21
N LYS A 186 28.89 26.88 4.79
CA LYS A 186 29.34 28.27 4.86
C LYS A 186 29.56 28.92 3.49
N HIS A 187 29.73 28.12 2.43
CA HIS A 187 30.17 28.60 1.12
C HIS A 187 29.34 29.77 0.57
N SER A 188 30.06 30.67 -0.12
CA SER A 188 29.51 31.91 -0.67
C SER A 188 28.45 31.68 -1.74
N SER A 189 28.53 30.58 -2.48
CA SER A 189 27.54 30.52 -3.55
C SER A 189 26.34 29.67 -3.16
N PRO A 190 25.15 30.20 -3.46
CA PRO A 190 23.91 29.48 -3.12
C PRO A 190 23.85 28.06 -3.68
N LYS A 191 24.22 27.88 -4.95
CA LYS A 191 24.19 26.55 -5.55
C LYS A 191 24.98 25.56 -4.72
N ILE A 192 26.19 25.93 -4.30
CA ILE A 192 27.04 24.99 -3.59
C ILE A 192 26.44 24.67 -2.23
N ARG A 193 25.95 25.68 -1.51
CA ARG A 193 25.28 25.43 -0.24
C ARG A 193 24.16 24.41 -0.45
N SER A 194 23.30 24.67 -1.44
CA SER A 194 22.19 23.78 -1.74
C SER A 194 22.70 22.36 -1.95
N HIS A 195 23.69 22.19 -2.84
CA HIS A 195 24.26 20.87 -3.09
C HIS A 195 24.69 20.21 -1.78
N ALA A 196 25.45 20.94 -0.96
CA ALA A 196 25.93 20.42 0.30
C ALA A 196 24.78 19.85 1.14
N VAL A 197 23.73 20.64 1.31
CA VAL A 197 22.61 20.19 2.14
C VAL A 197 21.91 19.02 1.46
N ALA A 198 21.60 19.14 0.17
CA ALA A 198 20.92 18.05 -0.52
C ALA A 198 21.69 16.75 -0.42
N CYS A 199 23.02 16.84 -0.38
CA CYS A 199 23.85 15.65 -0.20
C CYS A 199 23.67 15.06 1.20
N VAL A 200 24.04 15.83 2.22
CA VAL A 200 23.89 15.36 3.61
C VAL A 200 22.51 14.76 3.85
N ASN A 201 21.45 15.46 3.42
CA ASN A 201 20.08 15.04 3.63
C ASN A 201 19.82 13.58 3.26
N GLN A 202 20.56 13.03 2.31
CA GLN A 202 20.29 11.66 1.89
C GLN A 202 20.55 10.65 3.00
N PHE A 203 21.26 11.05 4.05
CA PHE A 203 21.76 10.10 5.03
C PHE A 203 21.21 10.36 6.43
N ILE A 204 20.11 11.09 6.54
CA ILE A 204 19.53 11.40 7.86
C ILE A 204 18.67 10.25 8.36
N ILE A 205 17.63 9.89 7.61
CA ILE A 205 16.67 8.90 8.09
C ILE A 205 17.34 7.55 8.28
N SER A 206 18.43 7.29 7.55
CA SER A 206 19.19 6.06 7.74
C SER A 206 19.95 6.08 9.07
N ARG A 207 20.02 7.24 9.72
CA ARG A 207 20.78 7.46 10.94
C ARG A 207 22.25 7.11 10.71
N THR A 208 22.80 7.68 9.65
CA THR A 208 24.13 7.31 9.15
C THR A 208 25.20 7.82 10.12
N GLN A 209 25.93 6.88 10.71
CA GLN A 209 27.04 7.11 11.63
C GLN A 209 27.86 8.37 11.38
N ALA A 210 28.45 8.50 10.19
CA ALA A 210 29.27 9.67 9.91
C ALA A 210 28.56 10.98 10.19
N LEU A 211 27.25 11.02 9.99
CA LEU A 211 26.52 12.26 10.20
C LEU A 211 26.11 12.39 11.66
N MET A 212 25.61 11.29 12.21
CA MET A 212 25.10 11.24 13.58
C MET A 212 26.13 11.67 14.60
N LEU A 213 27.41 11.41 14.35
CA LEU A 213 28.44 11.85 15.26
C LEU A 213 29.00 13.22 14.89
N HIS A 214 28.28 13.94 14.01
CA HIS A 214 28.61 15.30 13.62
C HIS A 214 27.35 16.14 13.71
N ILE A 215 26.29 15.57 14.30
CA ILE A 215 24.94 16.14 14.29
C ILE A 215 24.92 17.56 14.85
N ASP A 216 25.71 17.85 15.87
CA ASP A 216 25.71 19.19 16.44
C ASP A 216 26.19 20.21 15.41
N SER A 217 27.26 19.87 14.68
CA SER A 217 27.78 20.77 13.66
C SER A 217 26.75 20.96 12.57
N PHE A 218 26.08 19.87 12.19
CA PHE A 218 25.02 19.91 11.20
C PHE A 218 23.92 20.87 11.63
N ILE A 219 23.27 20.59 12.76
CA ILE A 219 22.16 21.40 13.26
C ILE A 219 22.56 22.86 13.38
N GLU A 220 23.75 23.13 13.91
CA GLU A 220 24.24 24.50 14.03
C GLU A 220 24.35 25.18 12.67
N ASN A 221 24.90 24.48 11.68
CA ASN A 221 25.04 25.07 10.35
C ASN A 221 23.68 25.27 9.69
N LEU A 222 22.75 24.37 9.92
CA LEU A 222 21.38 24.58 9.47
C LEU A 222 20.79 25.86 10.05
N PHE A 223 20.88 26.04 11.36
CA PHE A 223 20.36 27.29 11.92
C PHE A 223 21.05 28.48 11.29
N ALA A 224 22.38 28.43 11.18
CA ALA A 224 23.10 29.49 10.52
C ALA A 224 22.55 29.76 9.13
N LEU A 225 21.90 28.77 8.53
CA LEU A 225 21.34 28.87 7.20
C LEU A 225 19.88 29.31 7.16
N ALA A 226 19.13 29.15 8.25
CA ALA A 226 17.73 29.52 8.36
C ALA A 226 17.41 30.86 7.69
N GLY A 227 18.30 31.83 7.87
CA GLY A 227 18.17 33.19 7.34
C GLY A 227 18.38 33.34 5.86
N ASP A 228 18.70 32.26 5.15
CA ASP A 228 19.04 32.35 3.74
C ASP A 228 17.78 32.51 2.94
N GLU A 229 17.84 33.39 1.95
CA GLU A 229 16.70 33.75 1.13
C GLU A 229 16.71 33.06 -0.22
N GLU A 230 17.74 32.29 -0.53
CA GLU A 230 17.76 31.54 -1.77
C GLU A 230 16.83 30.35 -1.66
N PRO A 231 15.77 30.28 -2.46
CA PRO A 231 14.75 29.22 -2.27
C PRO A 231 15.29 27.81 -2.09
N GLU A 232 16.21 27.37 -2.95
CA GLU A 232 16.73 26.00 -2.84
C GLU A 232 17.37 25.74 -1.48
N VAL A 233 18.06 26.73 -0.91
CA VAL A 233 18.62 26.55 0.42
C VAL A 233 17.54 26.47 1.48
N ARG A 234 16.57 27.39 1.46
CA ARG A 234 15.45 27.31 2.40
C ARG A 234 14.77 25.95 2.30
N LYS A 235 14.42 25.54 1.09
CA LYS A 235 13.80 24.25 0.85
C LYS A 235 14.60 23.11 1.48
N ASN A 236 15.91 23.11 1.24
CA ASN A 236 16.74 22.04 1.76
C ASN A 236 16.87 22.09 3.28
N VAL A 237 17.05 23.29 3.86
CA VAL A 237 17.04 23.41 5.33
C VAL A 237 15.73 22.89 5.90
N CYS A 238 14.60 23.32 5.32
CA CYS A 238 13.29 22.88 5.76
C CYS A 238 13.21 21.36 5.75
N ARG A 239 13.64 20.74 4.67
CA ARG A 239 13.52 19.30 4.58
C ARG A 239 14.55 18.59 5.44
N ALA A 240 15.67 19.26 5.71
CA ALA A 240 16.60 18.77 6.71
C ALA A 240 15.91 18.66 8.05
N LEU A 241 15.36 19.78 8.53
CA LEU A 241 14.69 19.80 9.83
C LEU A 241 13.58 18.76 9.89
N VAL A 242 12.78 18.65 8.82
CA VAL A 242 11.70 17.65 8.82
C VAL A 242 12.28 16.26 9.05
N MET A 243 13.31 15.88 8.30
CA MET A 243 13.86 14.53 8.43
C MET A 243 14.49 14.33 9.81
N LEU A 244 15.30 15.29 10.25
CA LEU A 244 15.92 15.28 11.57
C LEU A 244 14.87 15.08 12.66
N LEU A 245 13.73 15.71 12.51
CA LEU A 245 12.64 15.60 13.47
C LEU A 245 12.20 14.15 13.66
N GLU A 246 12.32 13.33 12.63
CA GLU A 246 11.85 11.95 12.71
C GLU A 246 12.81 11.04 13.47
N VAL A 247 14.10 11.34 13.49
CA VAL A 247 15.05 10.37 14.01
C VAL A 247 15.89 10.94 15.16
N ARG A 248 16.17 12.24 15.13
CA ARG A 248 16.90 12.82 16.25
C ARG A 248 16.12 13.93 16.96
N MET A 249 14.92 13.59 17.45
CA MET A 249 14.09 14.54 18.19
C MET A 249 14.82 15.18 19.37
N ASP A 250 15.44 14.34 20.21
CA ASP A 250 16.23 14.79 21.35
C ASP A 250 17.07 16.02 21.02
N ARG A 251 17.76 15.99 19.89
CA ARG A 251 18.73 17.01 19.55
C ARG A 251 18.08 18.36 19.30
N LEU A 252 16.80 18.39 18.92
CA LEU A 252 16.14 19.65 18.59
C LEU A 252 15.11 20.10 19.63
N LEU A 253 14.77 19.26 20.62
CA LEU A 253 13.90 19.75 21.70
C LEU A 253 14.28 21.14 22.21
N PRO A 254 15.52 21.37 22.73
CA PRO A 254 15.87 22.70 23.25
C PRO A 254 15.60 23.89 22.33
N HIS A 255 15.37 23.66 21.03
CA HIS A 255 15.12 24.77 20.10
C HIS A 255 13.75 24.67 19.44
N MET A 256 12.92 23.73 19.90
CA MET A 256 11.64 23.47 19.24
C MET A 256 10.77 24.69 19.07
N HIS A 257 10.66 25.53 20.09
CA HIS A 257 9.86 26.74 19.95
C HIS A 257 10.30 27.58 18.75
N ASN A 258 11.60 27.89 18.66
CA ASN A 258 12.10 28.66 17.53
C ASN A 258 11.94 27.92 16.22
N ILE A 259 12.05 26.59 16.25
CA ILE A 259 11.92 25.79 15.03
C ILE A 259 10.49 25.81 14.53
N VAL A 260 9.53 25.49 15.40
CA VAL A 260 8.10 25.60 15.07
C VAL A 260 7.79 26.98 14.52
N GLU A 261 8.33 28.03 15.15
CA GLU A 261 8.10 29.37 14.62
C GLU A 261 8.62 29.47 13.19
N TYR A 262 9.82 28.95 12.94
CA TYR A 262 10.41 29.01 11.60
C TYR A 262 9.58 28.23 10.59
N MET A 263 9.28 26.98 10.91
CA MET A 263 8.51 26.14 9.99
C MET A 263 7.15 26.74 9.71
N LEU A 264 6.51 27.27 10.75
CA LEU A 264 5.22 27.93 10.58
C LEU A 264 5.34 29.14 9.66
N GLN A 265 6.45 29.87 9.74
CA GLN A 265 6.70 30.95 8.79
C GLN A 265 6.84 30.42 7.37
N ARG A 266 7.69 29.41 7.18
CA ARG A 266 7.96 28.83 5.86
C ARG A 266 6.72 28.17 5.26
N THR A 267 5.84 27.60 6.07
CA THR A 267 4.61 27.02 5.55
C THR A 267 3.81 28.07 4.79
N GLN A 268 4.01 29.34 5.13
CA GLN A 268 3.34 30.46 4.52
C GLN A 268 4.21 31.08 3.43
N ASP A 269 5.34 30.44 3.12
CA ASP A 269 6.25 30.93 2.09
C ASP A 269 5.56 31.04 0.75
N GLN A 270 5.91 32.11 0.02
CA GLN A 270 5.36 32.35 -1.31
C GLN A 270 5.86 31.34 -2.35
N ASP A 271 7.05 30.76 -2.18
CA ASP A 271 7.51 29.69 -3.07
C ASP A 271 6.85 28.38 -2.66
N GLU A 272 5.95 27.89 -3.53
CA GLU A 272 5.19 26.67 -3.27
C GLU A 272 6.04 25.52 -2.75
N ASN A 273 7.28 25.39 -3.26
CA ASN A 273 8.10 24.24 -2.87
C ASN A 273 8.61 24.39 -1.44
N VAL A 274 9.03 25.60 -1.06
CA VAL A 274 9.42 25.85 0.32
C VAL A 274 8.26 25.53 1.23
N ALA A 275 7.10 26.13 0.94
CA ALA A 275 5.91 25.93 1.77
C ALA A 275 5.60 24.45 1.93
N LEU A 276 5.67 23.68 0.85
CA LEU A 276 5.40 22.23 0.93
C LEU A 276 6.38 21.50 1.84
N GLU A 277 7.68 21.78 1.68
CA GLU A 277 8.65 21.14 2.57
C GLU A 277 8.43 21.55 4.01
N ALA A 278 8.10 22.81 4.22
CA ALA A 278 7.78 23.24 5.58
C ALA A 278 6.57 22.47 6.10
N CYS A 279 5.53 22.37 5.29
CA CYS A 279 4.28 21.73 5.70
C CYS A 279 4.50 20.28 6.14
N GLU A 280 5.54 19.61 5.61
CA GLU A 280 5.80 18.24 6.07
C GLU A 280 6.11 18.19 7.57
N PHE A 281 6.62 19.30 8.11
CA PHE A 281 6.95 19.37 9.53
C PHE A 281 5.75 19.00 10.38
N TRP A 282 4.55 19.49 10.02
CA TRP A 282 3.38 19.24 10.85
C TRP A 282 2.98 17.77 10.76
N LEU A 283 3.08 17.19 9.57
CA LEU A 283 2.80 15.79 9.38
C LEU A 283 3.68 14.91 10.26
N THR A 284 4.98 15.17 10.26
CA THR A 284 5.86 14.29 11.03
C THR A 284 5.86 14.63 12.51
N LEU A 285 5.73 15.91 12.85
CA LEU A 285 5.54 16.28 14.26
C LEU A 285 4.33 15.61 14.88
N ALA A 286 3.24 15.50 14.12
CA ALA A 286 2.02 14.90 14.65
C ALA A 286 2.17 13.42 14.97
N GLU A 287 3.22 12.76 14.50
CA GLU A 287 3.43 11.36 14.83
C GLU A 287 4.17 11.20 16.15
N GLN A 288 4.91 12.25 16.60
CA GLN A 288 5.66 12.23 17.84
C GLN A 288 4.72 12.49 19.04
N PRO A 289 4.91 11.76 20.13
CA PRO A 289 4.05 11.94 21.31
C PRO A 289 4.13 13.30 21.97
N ILE A 290 5.18 14.08 21.72
CA ILE A 290 5.34 15.39 22.34
C ILE A 290 4.64 16.49 21.55
N CYS A 291 3.79 16.11 20.60
CA CYS A 291 3.18 17.10 19.71
C CYS A 291 2.40 18.17 20.47
N LYS A 292 1.44 17.75 21.30
CA LYS A 292 0.64 18.70 22.07
C LYS A 292 1.51 19.70 22.82
N ASP A 293 2.48 19.20 23.58
CA ASP A 293 3.35 20.07 24.37
C ASP A 293 4.07 21.08 23.49
N VAL A 294 4.53 20.65 22.32
CA VAL A 294 5.32 21.52 21.47
C VAL A 294 4.45 22.55 20.77
N LEU A 295 3.16 22.22 20.56
CA LEU A 295 2.25 23.06 19.79
C LEU A 295 1.49 24.06 20.63
N VAL A 296 1.45 23.88 21.96
CA VAL A 296 0.62 24.69 22.86
C VAL A 296 0.63 26.18 22.55
N ARG A 297 1.78 26.72 22.15
CA ARG A 297 1.91 28.15 21.88
C ARG A 297 1.56 28.58 20.46
N HIS A 298 1.35 27.63 19.54
CA HIS A 298 1.29 27.94 18.11
C HIS A 298 0.09 27.35 17.39
N LEU A 299 -0.52 26.29 17.93
CA LEU A 299 -1.71 25.67 17.34
C LEU A 299 -2.75 26.68 16.84
N PRO A 300 -3.12 27.73 17.59
CA PRO A 300 -4.13 28.67 17.07
C PRO A 300 -3.79 29.28 15.73
N LYS A 301 -2.52 29.52 15.45
CA LYS A 301 -2.17 30.02 14.13
C LYS A 301 -2.06 28.86 13.14
N LEU A 302 -1.59 27.71 13.61
CA LEU A 302 -1.33 26.57 12.73
C LEU A 302 -2.60 26.12 12.01
N ILE A 303 -3.72 25.96 12.75
CA ILE A 303 -4.95 25.48 12.10
C ILE A 303 -5.41 26.35 10.93
N PRO A 304 -5.53 27.68 11.05
CA PRO A 304 -5.94 28.47 9.89
C PRO A 304 -4.95 28.44 8.74
N VAL A 305 -3.65 28.34 8.99
CA VAL A 305 -2.70 28.27 7.88
C VAL A 305 -2.90 26.99 7.09
N LEU A 306 -3.03 25.86 7.78
CA LEU A 306 -3.34 24.60 7.12
C LEU A 306 -4.67 24.69 6.35
N VAL A 307 -5.73 25.15 7.03
CA VAL A 307 -7.04 25.26 6.38
C VAL A 307 -6.94 26.11 5.13
N ASN A 308 -6.12 27.15 5.16
CA ASN A 308 -6.06 28.06 4.03
C ASN A 308 -5.26 27.43 2.89
N GLY A 309 -4.18 26.73 3.23
CA GLY A 309 -3.41 25.97 2.26
C GLY A 309 -4.14 24.80 1.66
N MET A 310 -5.34 24.50 2.13
CA MET A 310 -6.07 23.37 1.60
C MET A 310 -6.94 23.75 0.40
N LYS A 311 -6.98 25.02 0.04
CA LYS A 311 -7.62 25.46 -1.19
C LYS A 311 -6.84 25.00 -2.41
N TYR A 312 -7.57 24.71 -3.48
CA TYR A 312 -6.92 24.47 -4.77
C TYR A 312 -6.07 25.66 -5.17
N SER A 313 -4.92 25.37 -5.76
CA SER A 313 -4.08 26.41 -6.31
C SER A 313 -4.72 26.99 -7.57
N ASP A 314 -4.28 28.18 -7.94
CA ASP A 314 -4.81 28.80 -9.16
C ASP A 314 -4.53 27.91 -10.37
N ILE A 315 -3.39 27.28 -10.39
CA ILE A 315 -3.06 26.45 -11.52
C ILE A 315 -3.73 25.13 -11.50
N ASP A 316 -4.18 24.71 -10.33
CA ASP A 316 -4.82 23.45 -10.13
C ASP A 316 -6.24 23.49 -10.63
N ILE A 317 -6.83 24.66 -10.73
CA ILE A 317 -8.12 24.78 -11.30
C ILE A 317 -7.91 24.64 -12.80
N ILE A 318 -8.11 23.43 -13.27
CA ILE A 318 -7.93 23.10 -14.68
C ILE A 318 -9.22 22.50 -15.23
N ASP A 350 1.31 14.48 -8.00
CA ASP A 350 0.25 14.31 -7.02
C ASP A 350 0.43 15.21 -5.81
N TRP A 351 1.44 14.90 -5.00
CA TRP A 351 1.61 15.56 -3.71
C TRP A 351 1.84 17.05 -3.86
N ASN A 352 1.04 17.85 -3.15
CA ASN A 352 1.17 19.30 -3.18
C ASN A 352 0.80 19.86 -1.80
N LEU A 353 0.90 21.19 -1.68
CA LEU A 353 0.59 21.87 -0.43
C LEU A 353 -0.80 21.51 0.08
N ARG A 354 -1.80 21.54 -0.80
CA ARG A 354 -3.17 21.17 -0.43
C ARG A 354 -3.22 19.81 0.24
N LYS A 355 -2.64 18.80 -0.41
CA LYS A 355 -2.73 17.44 0.13
C LYS A 355 -1.96 17.34 1.45
N CYS A 356 -0.79 17.96 1.52
CA CYS A 356 0.01 17.91 2.74
C CYS A 356 -0.74 18.57 3.88
N SER A 357 -1.23 19.77 3.65
CA SER A 357 -2.02 20.50 4.64
C SER A 357 -3.21 19.67 5.12
N ALA A 358 -3.95 19.08 4.18
CA ALA A 358 -5.11 18.28 4.56
C ALA A 358 -4.71 17.06 5.38
N ALA A 359 -3.62 16.38 5.00
CA ALA A 359 -3.15 15.25 5.79
C ALA A 359 -2.72 15.69 7.17
N ALA A 360 -2.08 16.84 7.26
CA ALA A 360 -1.62 17.34 8.55
C ALA A 360 -2.81 17.62 9.44
N LEU A 361 -3.85 18.21 8.87
CA LEU A 361 -5.07 18.48 9.61
C LEU A 361 -5.71 17.19 10.06
N ASP A 362 -5.73 16.17 9.20
CA ASP A 362 -6.26 14.85 9.55
C ASP A 362 -5.55 14.26 10.77
N VAL A 363 -4.20 14.28 10.77
CA VAL A 363 -3.49 13.68 11.90
C VAL A 363 -3.69 14.52 13.16
N LEU A 364 -3.58 15.84 13.03
CA LEU A 364 -3.83 16.69 14.20
C LEU A 364 -5.23 16.46 14.77
N ALA A 365 -6.22 16.30 13.91
CA ALA A 365 -7.56 15.93 14.38
C ALA A 365 -7.51 14.64 15.18
N ASN A 366 -6.70 13.69 14.74
CA ASN A 366 -6.59 12.45 15.52
C ASN A 366 -5.81 12.63 16.83
N VAL A 367 -4.88 13.59 16.91
CA VAL A 367 -4.18 13.88 18.16
C VAL A 367 -5.07 14.62 19.14
N TYR A 368 -5.65 15.73 18.72
CA TYR A 368 -6.39 16.60 19.62
C TYR A 368 -7.81 16.15 19.84
N ARG A 369 -8.35 15.33 18.95
CA ARG A 369 -9.74 14.85 19.00
C ARG A 369 -10.62 16.07 19.26
N ASP A 370 -11.49 16.06 20.26
CA ASP A 370 -12.45 17.14 20.46
C ASP A 370 -11.81 18.44 20.91
N GLU A 371 -10.56 18.43 21.40
CA GLU A 371 -9.93 19.69 21.77
C GLU A 371 -9.72 20.60 20.58
N LEU A 372 -9.74 20.07 19.36
CA LEU A 372 -9.50 20.85 18.16
C LEU A 372 -10.73 21.63 17.71
N LEU A 373 -11.93 21.18 18.07
CA LEU A 373 -13.16 21.73 17.53
C LEU A 373 -13.34 23.24 17.74
N PRO A 374 -12.99 23.84 18.87
CA PRO A 374 -13.14 25.30 18.98
C PRO A 374 -12.24 26.07 18.03
N HIS A 375 -11.07 25.52 17.66
CA HIS A 375 -10.24 26.11 16.61
C HIS A 375 -10.89 25.99 15.22
N ILE A 376 -11.60 24.91 14.94
CA ILE A 376 -11.98 24.59 13.57
C ILE A 376 -13.41 25.03 13.22
N LEU A 377 -14.32 25.03 14.20
CA LEU A 377 -15.70 25.39 13.90
C LEU A 377 -15.90 26.81 13.36
N PRO A 378 -15.21 27.84 13.84
CA PRO A 378 -15.40 29.17 13.22
C PRO A 378 -14.95 29.22 11.78
N LEU A 379 -13.86 28.51 11.47
CA LEU A 379 -13.44 28.42 10.08
C LEU A 379 -14.49 27.69 9.25
N LEU A 380 -15.04 26.58 9.76
CA LEU A 380 -16.07 25.88 9.00
C LEU A 380 -17.27 26.79 8.77
N LYS A 381 -17.67 27.54 9.79
CA LYS A 381 -18.81 28.42 9.62
C LYS A 381 -18.57 29.42 8.51
N GLU A 382 -17.36 29.99 8.43
CA GLU A 382 -17.07 30.93 7.33
C GLU A 382 -16.85 30.25 5.98
N LEU A 383 -16.53 28.96 5.93
CA LEU A 383 -16.20 28.29 4.68
C LEU A 383 -17.36 27.54 4.03
N LEU A 384 -18.15 26.79 4.80
CA LEU A 384 -19.10 25.84 4.22
C LEU A 384 -20.18 26.50 3.41
N PHE A 385 -20.39 27.80 3.53
CA PHE A 385 -21.54 28.43 2.90
C PHE A 385 -21.08 29.57 2.00
N HIS A 386 -19.78 29.79 1.92
CA HIS A 386 -19.19 30.87 1.15
C HIS A 386 -19.66 30.81 -0.30
N HIS A 387 -19.72 31.97 -0.93
CA HIS A 387 -20.22 32.10 -2.30
C HIS A 387 -19.15 31.81 -3.34
N GLU A 388 -17.88 31.83 -2.95
CA GLU A 388 -16.78 31.45 -3.83
C GLU A 388 -16.54 29.95 -3.70
N TRP A 389 -16.75 29.24 -4.79
CA TRP A 389 -16.71 27.78 -4.80
C TRP A 389 -15.38 27.23 -4.30
N VAL A 390 -14.25 27.83 -4.66
CA VAL A 390 -12.94 27.38 -4.16
C VAL A 390 -12.92 27.36 -2.62
N VAL A 391 -13.44 28.42 -2.00
CA VAL A 391 -13.46 28.49 -0.54
C VAL A 391 -14.40 27.43 0.04
N LYS A 392 -15.59 27.28 -0.52
CA LYS A 392 -16.52 26.27 -0.04
C LYS A 392 -15.87 24.90 -0.16
N GLU A 393 -15.26 24.63 -1.30
CA GLU A 393 -14.59 23.36 -1.54
C GLU A 393 -13.57 23.09 -0.45
N SER A 394 -12.77 24.11 -0.09
CA SER A 394 -11.81 23.86 0.97
C SER A 394 -12.54 23.51 2.26
N GLY A 395 -13.68 24.16 2.50
CA GLY A 395 -14.44 23.88 3.71
C GLY A 395 -14.93 22.44 3.79
N ILE A 396 -15.46 21.92 2.68
CA ILE A 396 -15.93 20.55 2.68
C ILE A 396 -14.76 19.60 2.90
N LEU A 397 -13.62 19.91 2.29
CA LEU A 397 -12.42 19.12 2.51
C LEU A 397 -12.08 19.09 4.00
N VAL A 398 -11.94 20.26 4.63
CA VAL A 398 -11.72 20.33 6.07
C VAL A 398 -12.71 19.46 6.84
N LEU A 399 -13.99 19.59 6.49
CA LEU A 399 -15.03 18.83 7.18
C LEU A 399 -14.78 17.33 7.07
N GLY A 400 -14.32 16.86 5.92
CA GLY A 400 -13.99 15.46 5.78
C GLY A 400 -12.73 15.08 6.54
N ALA A 401 -11.67 15.87 6.35
CA ALA A 401 -10.39 15.62 7.00
C ALA A 401 -10.50 15.44 8.49
N ILE A 402 -11.30 16.28 9.15
CA ILE A 402 -11.31 16.18 10.62
C ILE A 402 -12.23 15.08 11.10
N ALA A 403 -13.01 14.47 10.21
CA ALA A 403 -14.05 13.52 10.57
C ALA A 403 -13.58 12.41 11.49
N GLU A 404 -12.44 11.79 11.19
CA GLU A 404 -12.00 10.64 11.97
C GLU A 404 -11.62 11.05 13.39
N GLY A 405 -10.76 12.04 13.51
CA GLY A 405 -10.37 12.51 14.84
C GLY A 405 -11.51 13.07 15.64
N CYS A 406 -12.36 13.87 15.01
CA CYS A 406 -13.32 14.71 15.71
C CYS A 406 -14.74 14.17 15.61
N MET A 407 -14.90 12.91 15.22
CA MET A 407 -16.23 12.41 14.88
C MET A 407 -17.20 12.66 16.00
N GLN A 408 -16.81 12.30 17.23
CA GLN A 408 -17.72 12.42 18.35
C GLN A 408 -18.15 13.87 18.54
N GLY A 409 -17.17 14.77 18.55
CA GLY A 409 -17.46 16.17 18.73
C GLY A 409 -18.30 16.76 17.62
N MET A 410 -18.33 16.12 16.46
CA MET A 410 -19.06 16.68 15.35
C MET A 410 -20.51 16.20 15.31
N ILE A 411 -20.82 15.08 15.96
CA ILE A 411 -22.19 14.56 15.99
C ILE A 411 -23.25 15.64 16.19
N PRO A 412 -23.16 16.50 17.21
CA PRO A 412 -24.21 17.53 17.38
C PRO A 412 -24.49 18.34 16.13
N TYR A 413 -23.48 18.59 15.30
CA TYR A 413 -23.65 19.43 14.13
C TYR A 413 -24.08 18.65 12.89
N LEU A 414 -24.05 17.33 12.93
CA LEU A 414 -24.30 16.57 11.71
C LEU A 414 -25.74 16.66 11.19
N PRO A 415 -26.77 16.75 12.06
CA PRO A 415 -28.14 16.91 11.55
C PRO A 415 -28.32 18.13 10.67
N GLU A 416 -27.46 19.14 10.77
CA GLU A 416 -27.51 20.28 9.87
C GLU A 416 -26.58 20.07 8.70
N LEU A 417 -25.32 19.67 8.96
CA LEU A 417 -24.31 19.59 7.92
C LEU A 417 -24.63 18.52 6.87
N ILE A 418 -25.06 17.33 7.30
CA ILE A 418 -25.35 16.25 6.34
C ILE A 418 -26.39 16.62 5.29
N PRO A 419 -27.60 17.07 5.65
CA PRO A 419 -28.52 17.50 4.57
C PRO A 419 -27.93 18.55 3.66
N HIS A 420 -27.09 19.42 4.21
CA HIS A 420 -26.47 20.48 3.43
C HIS A 420 -25.48 19.89 2.44
N LEU A 421 -24.62 18.99 2.92
CA LEU A 421 -23.76 18.24 2.03
C LEU A 421 -24.57 17.53 0.94
N ILE A 422 -25.64 16.84 1.32
CA ILE A 422 -26.48 16.21 0.30
C ILE A 422 -26.86 17.22 -0.79
N GLN A 423 -27.21 18.44 -0.40
CA GLN A 423 -27.56 19.45 -1.39
C GLN A 423 -26.36 19.76 -2.27
N CYS A 424 -25.18 19.85 -1.67
CA CYS A 424 -23.96 20.13 -2.40
C CYS A 424 -23.68 19.06 -3.44
N LEU A 425 -24.17 17.83 -3.22
CA LEU A 425 -24.00 16.78 -4.24
C LEU A 425 -24.55 17.22 -5.59
N SER A 426 -25.51 18.14 -5.63
CA SER A 426 -26.00 18.62 -6.90
C SER A 426 -25.56 20.05 -7.17
N ASP A 427 -24.55 20.54 -6.47
CA ASP A 427 -23.87 21.79 -6.84
C ASP A 427 -23.41 21.71 -8.29
N LYS A 428 -23.41 22.85 -8.95
CA LYS A 428 -23.06 22.87 -10.37
C LYS A 428 -21.57 22.80 -10.62
N LYS A 429 -20.74 22.95 -9.60
CA LYS A 429 -19.29 22.78 -9.76
C LYS A 429 -18.84 21.36 -9.42
N ALA A 430 -18.26 20.71 -10.43
CA ALA A 430 -17.84 19.31 -10.30
C ALA A 430 -16.95 19.05 -9.09
N LEU A 431 -15.97 19.94 -8.85
CA LEU A 431 -15.06 19.74 -7.74
C LEU A 431 -15.76 19.79 -6.38
N VAL A 432 -16.89 20.50 -6.32
CA VAL A 432 -17.70 20.51 -5.11
C VAL A 432 -18.45 19.20 -4.98
N ARG A 433 -19.04 18.73 -6.07
CA ARG A 433 -19.72 17.45 -6.05
C ARG A 433 -18.80 16.35 -5.55
N SER A 434 -17.61 16.25 -6.15
CA SER A 434 -16.68 15.18 -5.80
C SER A 434 -16.20 15.27 -4.34
N ILE A 435 -15.84 16.47 -3.89
CA ILE A 435 -15.37 16.52 -2.51
C ILE A 435 -16.53 16.23 -1.57
N THR A 436 -17.75 16.59 -1.97
CA THR A 436 -18.90 16.31 -1.12
C THR A 436 -19.11 14.82 -0.99
N CYS A 437 -19.03 14.12 -2.12
CA CYS A 437 -19.07 12.65 -2.15
C CYS A 437 -18.12 12.08 -1.11
N TRP A 438 -16.87 12.55 -1.13
CA TRP A 438 -15.89 11.96 -0.22
C TRP A 438 -16.24 12.26 1.24
N THR A 439 -16.53 13.51 1.58
CA THR A 439 -16.83 13.86 2.98
C THR A 439 -18.03 13.08 3.52
N LEU A 440 -19.10 13.01 2.72
CA LEU A 440 -20.25 12.21 3.11
C LEU A 440 -19.80 10.79 3.41
N SER A 441 -18.96 10.22 2.52
CA SER A 441 -18.49 8.87 2.77
C SER A 441 -17.73 8.82 4.09
N ARG A 442 -17.12 9.93 4.49
CA ARG A 442 -16.42 9.93 5.77
C ARG A 442 -17.39 9.93 6.93
N TYR A 443 -18.67 10.21 6.69
CA TYR A 443 -19.67 10.23 7.75
C TYR A 443 -20.71 9.15 7.51
N ALA A 444 -20.34 8.14 6.72
CA ALA A 444 -21.28 7.08 6.37
C ALA A 444 -21.76 6.31 7.61
N HIS A 445 -20.85 6.04 8.55
CA HIS A 445 -21.24 5.33 9.77
C HIS A 445 -22.37 6.04 10.51
N TRP A 446 -22.19 7.33 10.79
CA TRP A 446 -23.23 8.08 11.46
C TRP A 446 -24.51 8.03 10.65
N VAL A 447 -24.42 8.20 9.33
CA VAL A 447 -25.63 8.22 8.50
C VAL A 447 -26.38 6.91 8.67
N VAL A 448 -25.66 5.78 8.61
CA VAL A 448 -26.29 4.47 8.69
C VAL A 448 -26.91 4.24 10.06
N SER A 449 -26.31 4.77 11.12
CA SER A 449 -26.83 4.52 12.46
C SER A 449 -28.12 5.28 12.76
N GLN A 450 -28.50 6.25 11.95
CA GLN A 450 -29.74 7.00 12.11
C GLN A 450 -30.86 6.32 11.33
N PRO A 451 -32.11 6.69 11.58
CA PRO A 451 -33.23 6.12 10.81
C PRO A 451 -33.02 6.26 9.31
N PRO A 452 -33.17 5.15 8.57
CA PRO A 452 -32.86 5.15 7.13
C PRO A 452 -33.50 6.24 6.32
N ASP A 453 -34.73 6.63 6.65
CA ASP A 453 -35.46 7.59 5.82
C ASP A 453 -34.95 9.02 5.96
N THR A 454 -34.25 9.35 7.03
CA THR A 454 -33.86 10.75 7.25
C THR A 454 -32.56 11.14 6.54
N TYR A 455 -31.52 10.29 6.62
CA TYR A 455 -30.27 10.60 5.94
C TYR A 455 -29.89 9.56 4.90
N LEU A 456 -29.78 8.28 5.30
CA LEU A 456 -29.38 7.20 4.41
C LEU A 456 -30.09 7.21 3.06
N LYS A 457 -31.41 7.16 3.06
CA LYS A 457 -32.17 7.09 1.82
C LYS A 457 -31.84 8.23 0.84
N PRO A 458 -31.96 9.49 1.22
CA PRO A 458 -31.64 10.55 0.24
C PRO A 458 -30.18 10.54 -0.18
N LEU A 459 -29.27 10.21 0.73
CA LEU A 459 -27.86 10.17 0.39
C LEU A 459 -27.58 9.11 -0.65
N MET A 460 -27.98 7.87 -0.39
CA MET A 460 -27.82 6.82 -1.37
C MET A 460 -28.44 7.21 -2.72
N THR A 461 -29.64 7.77 -2.70
CA THR A 461 -30.30 8.19 -3.94
C THR A 461 -29.43 9.18 -4.73
N GLU A 462 -28.86 10.17 -4.05
CA GLU A 462 -28.11 11.20 -4.75
C GLU A 462 -26.71 10.72 -5.13
N LEU A 463 -26.13 9.83 -4.34
CA LEU A 463 -24.88 9.19 -4.70
C LEU A 463 -25.07 8.40 -5.99
N LEU A 464 -26.15 7.62 -6.07
CA LEU A 464 -26.42 6.86 -7.28
C LEU A 464 -26.55 7.80 -8.47
N LYS A 465 -27.30 8.90 -8.30
CA LYS A 465 -27.39 9.89 -9.37
C LYS A 465 -25.99 10.35 -9.79
N ARG A 466 -25.10 10.57 -8.82
CA ARG A 466 -23.78 11.14 -9.09
C ARG A 466 -22.83 10.14 -9.75
N ILE A 467 -23.02 8.85 -9.48
CA ILE A 467 -22.30 7.80 -10.18
C ILE A 467 -22.41 7.96 -11.70
N LEU A 468 -23.57 8.38 -12.20
CA LEU A 468 -23.73 8.61 -13.63
C LEU A 468 -23.47 10.05 -14.05
N ASP A 469 -22.70 10.80 -13.25
CA ASP A 469 -22.33 12.17 -13.60
C ASP A 469 -21.59 12.19 -14.93
N SER A 470 -21.70 13.31 -15.64
CA SER A 470 -20.95 13.44 -16.88
C SER A 470 -19.48 13.74 -16.65
N ASN A 471 -19.11 14.20 -15.44
CA ASN A 471 -17.71 14.49 -15.09
C ASN A 471 -17.04 13.25 -14.53
N LYS A 472 -15.85 12.93 -15.05
CA LYS A 472 -15.20 11.68 -14.68
C LYS A 472 -14.70 11.69 -13.23
N ARG A 473 -14.16 12.82 -12.75
CA ARG A 473 -13.76 12.90 -11.35
C ARG A 473 -14.96 12.72 -10.43
N VAL A 474 -16.11 13.29 -10.79
CA VAL A 474 -17.30 13.07 -9.97
C VAL A 474 -17.67 11.59 -10.03
N GLN A 475 -17.68 11.01 -11.23
CA GLN A 475 -18.03 9.60 -11.37
C GLN A 475 -17.24 8.71 -10.40
N GLU A 476 -15.91 8.82 -10.42
CA GLU A 476 -15.10 7.98 -9.53
C GLU A 476 -15.26 8.35 -8.07
N ALA A 477 -15.34 9.63 -7.75
CA ALA A 477 -15.62 10.02 -6.37
C ALA A 477 -16.91 9.40 -5.86
N ALA A 478 -17.96 9.47 -6.67
CA ALA A 478 -19.26 8.95 -6.30
C ALA A 478 -19.22 7.44 -6.15
N CYS A 479 -18.64 6.74 -7.11
CA CYS A 479 -18.52 5.29 -7.00
C CYS A 479 -17.73 4.86 -5.78
N SER A 480 -16.54 5.43 -5.56
CA SER A 480 -15.79 5.18 -4.33
C SER A 480 -16.61 5.44 -3.07
N ALA A 481 -17.29 6.58 -3.02
CA ALA A 481 -18.02 6.95 -1.80
C ALA A 481 -19.16 5.98 -1.58
N PHE A 482 -19.84 5.61 -2.66
CA PHE A 482 -20.91 4.63 -2.59
C PHE A 482 -20.38 3.30 -2.12
N ALA A 483 -19.18 2.92 -2.56
CA ALA A 483 -18.59 1.68 -2.10
C ALA A 483 -18.41 1.73 -0.59
N THR A 484 -17.89 2.85 -0.09
CA THR A 484 -17.67 2.99 1.34
C THR A 484 -18.99 2.88 2.08
N LEU A 485 -20.03 3.50 1.52
CA LEU A 485 -21.35 3.46 2.13
C LEU A 485 -21.91 2.05 2.11
N GLU A 486 -21.84 1.37 0.96
CA GLU A 486 -22.22 -0.03 0.85
C GLU A 486 -21.57 -0.87 1.94
N GLU A 487 -20.26 -0.74 2.08
CA GLU A 487 -19.50 -1.41 3.14
C GLU A 487 -20.07 -1.15 4.53
N GLU A 488 -20.41 0.11 4.85
CA GLU A 488 -20.93 0.41 6.19
C GLU A 488 -22.36 -0.08 6.37
N ALA A 489 -23.21 0.09 5.36
CA ALA A 489 -24.63 -0.24 5.44
C ALA A 489 -24.90 -1.74 5.43
N CYS A 490 -24.17 -2.50 4.62
CA CYS A 490 -24.41 -3.93 4.48
C CYS A 490 -25.87 -4.26 4.14
N THR A 491 -26.50 -5.08 4.96
CA THR A 491 -27.88 -5.52 4.71
C THR A 491 -28.86 -4.36 4.51
N GLU A 492 -28.56 -3.19 5.06
CA GLU A 492 -29.44 -2.02 4.91
C GLU A 492 -29.66 -1.63 3.45
N LEU A 493 -28.91 -2.20 2.52
CA LEU A 493 -29.02 -1.90 1.09
C LEU A 493 -30.03 -2.77 0.38
N VAL A 494 -30.37 -3.92 0.94
CA VAL A 494 -31.24 -4.92 0.28
C VAL A 494 -32.47 -4.26 -0.36
N PRO A 495 -33.23 -3.41 0.36
CA PRO A 495 -34.39 -2.78 -0.28
C PRO A 495 -34.09 -1.97 -1.55
N TYR A 496 -32.88 -1.44 -1.70
CA TYR A 496 -32.56 -0.59 -2.84
C TYR A 496 -31.74 -1.33 -3.88
N LEU A 497 -31.63 -2.65 -3.73
CA LEU A 497 -30.78 -3.49 -4.56
C LEU A 497 -31.05 -3.33 -6.05
N ALA A 498 -32.32 -3.31 -6.46
CA ALA A 498 -32.62 -3.22 -7.88
C ALA A 498 -32.17 -1.89 -8.47
N TYR A 499 -32.45 -0.78 -7.78
CA TYR A 499 -32.04 0.52 -8.29
C TYR A 499 -30.51 0.65 -8.31
N ILE A 500 -29.83 0.20 -7.25
CA ILE A 500 -28.37 0.16 -7.28
C ILE A 500 -27.87 -0.61 -8.49
N LEU A 501 -28.39 -1.82 -8.71
CA LEU A 501 -27.85 -2.61 -9.83
C LEU A 501 -28.13 -1.93 -11.15
N ASP A 502 -29.34 -1.40 -11.31
CA ASP A 502 -29.68 -0.60 -12.48
C ASP A 502 -28.59 0.42 -12.80
N THR A 503 -28.10 1.12 -11.76
CA THR A 503 -27.12 2.18 -11.98
C THR A 503 -25.73 1.62 -12.23
N LEU A 504 -25.26 0.72 -11.36
CA LEU A 504 -23.95 0.11 -11.54
C LEU A 504 -23.83 -0.54 -12.92
N VAL A 505 -24.84 -1.29 -13.33
CA VAL A 505 -24.83 -1.89 -14.66
C VAL A 505 -24.77 -0.80 -15.72
N PHE A 506 -25.66 0.19 -15.63
CA PHE A 506 -25.67 1.26 -16.61
C PHE A 506 -24.30 1.94 -16.75
N ALA A 507 -23.56 2.04 -15.66
CA ALA A 507 -22.22 2.64 -15.69
C ALA A 507 -21.26 1.94 -16.64
N PHE A 508 -21.41 0.62 -16.82
CA PHE A 508 -20.60 -0.11 -17.79
C PHE A 508 -20.53 0.54 -19.17
N SER A 509 -21.67 0.90 -19.74
CA SER A 509 -21.60 1.52 -21.06
C SER A 509 -21.04 2.94 -20.96
N LYS A 510 -21.21 3.59 -19.82
CA LYS A 510 -20.69 4.96 -19.69
C LYS A 510 -19.20 5.01 -19.35
N TYR A 511 -18.73 4.17 -18.42
CA TYR A 511 -17.40 4.35 -17.85
C TYR A 511 -16.26 4.01 -18.81
N GLN A 512 -15.23 4.87 -18.76
CA GLN A 512 -13.89 4.66 -19.30
C GLN A 512 -13.08 3.70 -18.45
N HIS A 513 -11.78 3.66 -18.72
CA HIS A 513 -10.92 2.61 -18.16
C HIS A 513 -10.63 2.86 -16.69
N LYS A 514 -10.18 4.07 -16.35
CA LYS A 514 -9.86 4.40 -14.97
C LYS A 514 -11.03 4.07 -14.04
N ASN A 515 -12.25 4.37 -14.49
CA ASN A 515 -13.45 4.21 -13.69
C ASN A 515 -14.07 2.81 -13.71
N LEU A 516 -13.83 1.99 -14.71
CA LEU A 516 -14.29 0.61 -14.60
C LEU A 516 -13.70 -0.09 -13.39
N LEU A 517 -12.51 0.28 -13.01
CA LEU A 517 -11.84 -0.38 -11.92
C LEU A 517 -12.64 -0.14 -10.64
N ILE A 518 -13.05 1.13 -10.47
CA ILE A 518 -13.85 1.52 -9.31
C ILE A 518 -15.23 0.91 -9.39
N LEU A 519 -15.79 0.85 -10.60
CA LEU A 519 -17.08 0.18 -10.77
C LEU A 519 -17.02 -1.27 -10.31
N TYR A 520 -15.98 -2.02 -10.72
CA TYR A 520 -15.85 -3.40 -10.27
C TYR A 520 -15.78 -3.48 -8.77
N ASP A 521 -15.03 -2.57 -8.14
CA ASP A 521 -14.95 -2.54 -6.68
C ASP A 521 -16.33 -2.32 -6.05
N ALA A 522 -17.13 -1.43 -6.63
CA ALA A 522 -18.48 -1.22 -6.14
C ALA A 522 -19.36 -2.45 -6.28
N ILE A 523 -19.31 -3.15 -7.44
CA ILE A 523 -20.05 -4.41 -7.59
C ILE A 523 -19.57 -5.45 -6.57
N GLY A 524 -18.27 -5.61 -6.45
CA GLY A 524 -17.72 -6.55 -5.49
C GLY A 524 -18.22 -6.31 -4.08
N THR A 525 -18.10 -5.06 -3.62
CA THR A 525 -18.52 -4.74 -2.26
C THR A 525 -20.02 -4.85 -2.11
N LEU A 526 -20.80 -4.51 -3.14
CA LEU A 526 -22.23 -4.79 -3.09
C LEU A 526 -22.52 -6.26 -2.83
N ALA A 527 -21.91 -7.15 -3.64
CA ALA A 527 -22.11 -8.58 -3.47
C ALA A 527 -21.70 -9.07 -2.09
N ASP A 528 -20.57 -8.58 -1.58
CA ASP A 528 -20.16 -8.92 -0.22
C ASP A 528 -21.13 -8.38 0.83
N SER A 529 -21.65 -7.17 0.62
CA SER A 529 -22.57 -6.54 1.55
C SER A 529 -23.92 -7.24 1.61
N VAL A 530 -24.51 -7.57 0.46
CA VAL A 530 -25.86 -8.14 0.42
C VAL A 530 -25.87 -9.66 0.37
N GLY A 531 -24.71 -10.30 0.31
CA GLY A 531 -24.60 -11.74 0.20
C GLY A 531 -25.60 -12.44 -0.71
N HIS A 532 -26.24 -13.49 -0.18
CA HIS A 532 -27.07 -14.37 -0.99
C HIS A 532 -28.28 -13.66 -1.57
N HIS A 533 -28.67 -12.50 -1.02
CA HIS A 533 -29.77 -11.75 -1.59
C HIS A 533 -29.52 -11.40 -3.04
N LEU A 534 -28.27 -11.40 -3.48
CA LEU A 534 -27.97 -11.11 -4.88
C LEU A 534 -28.40 -12.26 -5.79
N ASN A 535 -28.66 -13.45 -5.24
CA ASN A 535 -28.96 -14.64 -6.05
C ASN A 535 -30.41 -14.62 -6.49
N LYS A 536 -30.70 -13.81 -7.49
CA LYS A 536 -32.01 -13.75 -8.08
C LYS A 536 -31.83 -13.72 -9.59
N PRO A 537 -32.63 -14.51 -10.32
CA PRO A 537 -32.45 -14.62 -11.78
C PRO A 537 -32.35 -13.30 -12.53
N GLU A 538 -33.17 -12.31 -12.19
CA GLU A 538 -33.10 -11.02 -12.86
C GLU A 538 -31.74 -10.36 -12.64
N TYR A 539 -31.28 -10.34 -11.39
CA TYR A 539 -30.00 -9.71 -11.06
C TYR A 539 -28.84 -10.41 -11.77
N ILE A 540 -28.81 -11.74 -11.71
CA ILE A 540 -27.77 -12.53 -12.38
C ILE A 540 -27.73 -12.23 -13.87
N GLN A 541 -28.88 -12.16 -14.50
CA GLN A 541 -28.93 -11.96 -15.95
C GLN A 541 -28.46 -10.57 -16.36
N MET A 542 -28.82 -9.53 -15.59
CA MET A 542 -28.33 -8.20 -15.95
C MET A 542 -26.88 -7.97 -15.57
N LEU A 543 -26.39 -8.60 -14.50
CA LEU A 543 -25.05 -8.33 -13.99
C LEU A 543 -23.97 -9.14 -14.70
N MET A 544 -24.19 -10.43 -14.87
CA MET A 544 -23.12 -11.31 -15.37
C MET A 544 -22.67 -11.00 -16.80
N PRO A 545 -23.55 -10.85 -17.79
CA PRO A 545 -23.10 -10.64 -19.17
C PRO A 545 -22.07 -9.54 -19.35
N PRO A 546 -22.22 -8.34 -18.76
CA PRO A 546 -21.17 -7.33 -18.96
C PRO A 546 -19.88 -7.65 -18.22
N LEU A 547 -19.96 -8.47 -17.17
CA LEU A 547 -18.76 -8.93 -16.46
C LEU A 547 -17.97 -9.88 -17.36
N ILE A 548 -18.67 -10.86 -17.97
CA ILE A 548 -18.01 -11.74 -18.92
C ILE A 548 -17.52 -10.95 -20.12
N GLN A 549 -18.31 -9.98 -20.57
CA GLN A 549 -17.90 -9.13 -21.68
C GLN A 549 -16.52 -8.52 -21.43
N LYS A 550 -16.31 -7.93 -20.23
CA LYS A 550 -15.01 -7.33 -19.97
C LYS A 550 -13.95 -8.38 -19.66
N TRP A 551 -14.37 -9.51 -19.10
CA TRP A 551 -13.53 -10.68 -18.93
C TRP A 551 -12.91 -11.17 -20.25
N ASN A 552 -13.72 -11.24 -21.30
CA ASN A 552 -13.26 -11.63 -22.63
C ASN A 552 -12.36 -10.60 -23.29
N MET A 553 -12.42 -9.34 -22.89
CA MET A 553 -11.57 -8.35 -23.54
C MET A 553 -10.17 -8.40 -22.97
N LEU A 554 -10.01 -8.80 -21.72
CA LEU A 554 -8.74 -8.65 -21.03
C LEU A 554 -7.86 -9.86 -21.30
N LYS A 555 -6.59 -9.60 -21.55
CA LYS A 555 -5.62 -10.64 -21.81
C LYS A 555 -4.93 -11.01 -20.50
N ASP A 556 -4.40 -12.24 -20.44
CA ASP A 556 -3.82 -12.79 -19.22
C ASP A 556 -2.73 -11.91 -18.63
N GLU A 557 -2.23 -10.94 -19.39
CA GLU A 557 -1.16 -10.05 -18.95
C GLU A 557 -1.67 -8.67 -18.54
N ASP A 558 -2.98 -8.40 -18.67
CA ASP A 558 -3.55 -7.10 -18.32
C ASP A 558 -3.86 -7.02 -16.83
N LYS A 559 -3.15 -6.13 -16.13
CA LYS A 559 -3.34 -5.93 -14.70
C LYS A 559 -4.79 -5.60 -14.34
N ASP A 560 -5.54 -5.02 -15.26
CA ASP A 560 -6.96 -4.75 -15.05
C ASP A 560 -7.75 -6.00 -14.69
N LEU A 561 -7.14 -7.17 -14.72
CA LEU A 561 -7.78 -8.36 -14.19
C LEU A 561 -7.97 -8.30 -12.68
N PHE A 562 -7.04 -7.70 -11.95
CA PHE A 562 -7.11 -7.70 -10.48
C PHE A 562 -8.47 -7.28 -9.94
N PRO A 563 -9.04 -6.13 -10.30
CA PRO A 563 -10.32 -5.78 -9.69
C PRO A 563 -11.47 -6.65 -10.20
N LEU A 564 -11.48 -6.95 -11.51
CA LEU A 564 -12.52 -7.80 -12.08
C LEU A 564 -12.56 -9.16 -11.42
N LEU A 565 -11.40 -9.78 -11.23
CA LEU A 565 -11.41 -11.12 -10.65
C LEU A 565 -11.83 -11.03 -9.20
N GLU A 566 -11.36 -9.98 -8.50
CA GLU A 566 -11.78 -9.84 -7.12
C GLU A 566 -13.25 -9.54 -7.05
N CYS A 567 -13.78 -8.83 -8.04
CA CYS A 567 -15.20 -8.62 -8.08
C CYS A 567 -15.91 -9.96 -8.29
N LEU A 568 -15.47 -10.73 -9.30
CA LEU A 568 -16.10 -12.02 -9.57
C LEU A 568 -16.06 -12.95 -8.37
N SER A 569 -14.96 -12.99 -7.64
CA SER A 569 -14.89 -13.83 -6.46
C SER A 569 -16.05 -13.55 -5.53
N SER A 570 -16.28 -12.27 -5.24
CA SER A 570 -17.35 -11.95 -4.31
C SER A 570 -18.68 -12.31 -4.93
N VAL A 571 -18.86 -12.00 -6.21
CA VAL A 571 -20.11 -12.33 -6.87
C VAL A 571 -20.32 -13.83 -6.80
N ALA A 572 -19.26 -14.59 -7.07
CA ALA A 572 -19.42 -16.04 -7.09
C ALA A 572 -19.85 -16.52 -5.72
N THR A 573 -19.15 -16.08 -4.68
CA THR A 573 -19.50 -16.46 -3.31
C THR A 573 -20.92 -16.06 -3.01
N ALA A 574 -21.34 -14.92 -3.55
CA ALA A 574 -22.66 -14.40 -3.24
C ALA A 574 -23.70 -15.12 -4.07
N LEU A 575 -23.49 -15.27 -5.35
CA LEU A 575 -24.44 -15.92 -6.21
C LEU A 575 -24.54 -17.39 -6.04
N GLN A 576 -23.82 -17.93 -5.06
CA GLN A 576 -23.85 -19.37 -4.81
C GLN A 576 -24.47 -20.13 -5.97
N SER A 577 -25.76 -20.45 -5.84
CA SER A 577 -26.48 -21.17 -6.87
C SER A 577 -26.85 -20.26 -8.03
N GLY A 578 -26.28 -20.53 -9.20
CA GLY A 578 -26.53 -19.73 -10.39
C GLY A 578 -25.31 -19.56 -11.25
N PHE A 579 -24.18 -19.27 -10.61
CA PHE A 579 -22.92 -19.08 -11.33
C PHE A 579 -22.58 -20.28 -12.19
N LEU A 580 -23.07 -21.46 -11.78
CA LEU A 580 -22.83 -22.71 -12.52
C LEU A 580 -22.62 -22.44 -14.01
N PRO A 581 -23.51 -21.70 -14.71
CA PRO A 581 -23.36 -21.56 -16.17
C PRO A 581 -22.10 -20.82 -16.58
N TYR A 582 -21.35 -20.30 -15.61
CA TYR A 582 -20.22 -19.41 -15.83
C TYR A 582 -18.90 -19.96 -15.32
N CYS A 583 -18.93 -20.97 -14.44
CA CYS A 583 -17.73 -21.38 -13.71
C CYS A 583 -16.64 -21.88 -14.65
N GLU A 584 -16.99 -22.73 -15.61
CA GLU A 584 -16.02 -23.45 -16.43
C GLU A 584 -14.92 -22.54 -16.99
N PRO A 585 -15.21 -21.56 -17.85
CA PRO A 585 -14.09 -20.74 -18.38
C PRO A 585 -13.32 -20.02 -17.28
N VAL A 586 -14.02 -19.54 -16.25
CA VAL A 586 -13.39 -18.82 -15.14
C VAL A 586 -12.41 -19.72 -14.38
N TYR A 587 -12.87 -20.91 -13.98
CA TYR A 587 -11.98 -21.87 -13.31
C TYR A 587 -10.74 -22.16 -14.14
N GLN A 588 -10.94 -22.52 -15.40
CA GLN A 588 -9.80 -22.88 -16.25
C GLN A 588 -8.84 -21.72 -16.38
N ARG A 589 -9.35 -20.54 -16.70
CA ARG A 589 -8.47 -19.40 -16.92
C ARG A 589 -7.67 -19.09 -15.65
N CYS A 590 -8.32 -19.19 -14.49
CA CYS A 590 -7.63 -18.87 -13.24
C CYS A 590 -6.52 -19.85 -12.95
N VAL A 591 -6.84 -21.15 -13.00
CA VAL A 591 -5.82 -22.20 -12.84
C VAL A 591 -4.67 -21.97 -13.82
N ASN A 592 -5.00 -21.71 -15.08
CA ASN A 592 -3.96 -21.47 -16.08
C ASN A 592 -3.07 -20.31 -15.67
N LEU A 593 -3.66 -19.22 -15.17
CA LEU A 593 -2.87 -18.07 -14.74
C LEU A 593 -1.91 -18.46 -13.61
N VAL A 594 -2.38 -19.30 -12.68
CA VAL A 594 -1.48 -19.78 -11.63
C VAL A 594 -0.34 -20.57 -12.25
N GLN A 595 -0.66 -21.43 -13.21
CA GLN A 595 0.33 -22.26 -13.88
C GLN A 595 1.41 -21.42 -14.55
N LYS A 596 1.01 -20.46 -15.40
CA LYS A 596 1.97 -19.66 -16.14
C LYS A 596 2.77 -18.76 -15.20
N THR A 597 2.17 -18.31 -14.11
CA THR A 597 2.93 -17.55 -13.12
C THR A 597 4.02 -18.41 -12.51
N LEU A 598 3.67 -19.60 -12.02
CA LEU A 598 4.69 -20.52 -11.52
C LEU A 598 5.77 -20.80 -12.55
N ALA A 599 5.38 -20.99 -13.82
CA ALA A 599 6.37 -21.22 -14.86
C ALA A 599 7.33 -20.04 -14.97
N GLN A 600 6.80 -18.83 -15.19
CA GLN A 600 7.67 -17.66 -15.31
C GLN A 600 8.56 -17.51 -14.10
N ALA A 601 8.04 -17.77 -12.90
CA ALA A 601 8.86 -17.65 -11.71
C ALA A 601 10.02 -18.63 -11.74
N MET A 602 9.76 -19.88 -12.10
CA MET A 602 10.83 -20.86 -12.21
C MET A 602 11.85 -20.45 -13.25
N LEU A 603 11.39 -20.00 -14.40
CA LEU A 603 12.27 -19.59 -15.50
C LEU A 603 13.16 -18.43 -15.08
N ASN A 604 12.58 -17.43 -14.41
CA ASN A 604 13.36 -16.30 -13.91
C ASN A 604 14.36 -16.77 -12.85
N ASN A 605 13.95 -17.64 -11.95
CA ASN A 605 14.88 -18.20 -10.97
C ASN A 605 16.03 -18.89 -11.69
N ALA A 606 15.74 -19.52 -12.83
CA ALA A 606 16.75 -20.21 -13.63
C ALA A 606 17.67 -19.22 -14.36
N GLN A 607 17.11 -18.33 -15.20
CA GLN A 607 17.90 -17.32 -15.90
C GLN A 607 17.39 -15.90 -15.62
N PRO A 608 17.81 -15.30 -14.50
CA PRO A 608 17.33 -13.96 -14.16
C PRO A 608 17.64 -12.89 -15.19
N ASP A 609 18.76 -13.02 -15.91
CA ASP A 609 19.24 -12.01 -16.85
C ASP A 609 18.52 -12.03 -18.19
N GLN A 610 17.56 -12.92 -18.40
CA GLN A 610 16.88 -13.04 -19.68
C GLN A 610 15.36 -13.14 -19.61
N TYR A 611 14.79 -13.55 -18.48
CA TYR A 611 13.34 -13.69 -18.36
C TYR A 611 12.83 -12.92 -17.14
N GLU A 612 11.86 -12.06 -17.38
CA GLU A 612 11.29 -11.19 -16.35
C GLU A 612 10.61 -12.00 -15.27
N ALA A 613 10.87 -11.67 -14.02
CA ALA A 613 10.09 -12.23 -12.93
C ALA A 613 8.61 -11.91 -13.13
N PRO A 614 7.71 -12.83 -12.82
CA PRO A 614 6.29 -12.56 -12.99
C PRO A 614 5.71 -11.70 -11.88
N ASP A 615 4.57 -11.09 -12.17
CA ASP A 615 3.80 -10.37 -11.15
C ASP A 615 2.93 -11.40 -10.45
N LYS A 616 3.26 -11.72 -9.20
CA LYS A 616 2.54 -12.77 -8.49
C LYS A 616 1.13 -12.36 -8.12
N ASP A 617 0.73 -11.12 -8.36
CA ASP A 617 -0.63 -10.74 -8.03
C ASP A 617 -1.60 -11.50 -8.92
N PHE A 618 -1.24 -11.77 -10.17
CA PHE A 618 -2.06 -12.62 -11.02
C PHE A 618 -2.34 -13.95 -10.35
N MET A 619 -1.35 -14.49 -9.64
CA MET A 619 -1.50 -15.76 -8.97
C MET A 619 -2.35 -15.62 -7.72
N ILE A 620 -2.11 -14.58 -6.93
CA ILE A 620 -2.88 -14.35 -5.71
C ILE A 620 -4.36 -14.18 -6.05
N VAL A 621 -4.64 -13.33 -7.02
CA VAL A 621 -6.00 -13.05 -7.47
C VAL A 621 -6.63 -14.30 -8.06
N ALA A 622 -5.88 -15.08 -8.83
CA ALA A 622 -6.45 -16.30 -9.41
C ALA A 622 -6.84 -17.28 -8.31
N LEU A 623 -5.94 -17.47 -7.34
CA LEU A 623 -6.25 -18.31 -6.19
C LEU A 623 -7.47 -17.79 -5.46
N ASP A 624 -7.52 -16.49 -5.25
CA ASP A 624 -8.62 -15.91 -4.49
C ASP A 624 -9.96 -16.13 -5.21
N LEU A 625 -9.97 -16.02 -6.54
CA LEU A 625 -11.21 -16.33 -7.25
C LEU A 625 -11.53 -17.80 -7.17
N LEU A 626 -10.53 -18.69 -7.27
CA LEU A 626 -10.83 -20.11 -7.12
C LEU A 626 -11.38 -20.44 -5.73
N SER A 627 -10.85 -19.78 -4.70
CA SER A 627 -11.39 -19.91 -3.36
C SER A 627 -12.86 -19.50 -3.33
N GLY A 628 -13.20 -18.37 -3.93
CA GLY A 628 -14.58 -17.92 -3.92
C GLY A 628 -15.49 -18.88 -4.67
N LEU A 629 -15.07 -19.30 -5.85
CA LEU A 629 -15.77 -20.31 -6.63
C LEU A 629 -16.03 -21.58 -5.82
N ALA A 630 -15.00 -22.10 -5.15
CA ALA A 630 -15.13 -23.32 -4.35
C ALA A 630 -16.06 -23.12 -3.17
N GLU A 631 -15.98 -21.96 -2.51
CA GLU A 631 -16.92 -21.67 -1.42
C GLU A 631 -18.36 -21.59 -1.93
N GLY A 632 -18.59 -20.85 -3.00
CA GLY A 632 -19.91 -20.75 -3.61
C GLY A 632 -20.48 -22.08 -4.03
N LEU A 633 -19.81 -22.75 -4.95
CA LEU A 633 -20.31 -23.98 -5.54
C LEU A 633 -20.18 -25.18 -4.60
N GLY A 634 -19.22 -25.13 -3.69
CA GLY A 634 -18.96 -26.26 -2.81
C GLY A 634 -18.69 -27.54 -3.57
N GLY A 635 -19.34 -28.61 -3.15
CA GLY A 635 -19.32 -29.89 -3.81
C GLY A 635 -19.45 -29.88 -5.32
N ASN A 636 -20.23 -28.94 -5.85
CA ASN A 636 -20.45 -28.87 -7.30
C ASN A 636 -19.24 -28.43 -8.07
N ILE A 637 -18.11 -28.16 -7.41
CA ILE A 637 -16.87 -27.88 -8.11
C ILE A 637 -16.07 -29.14 -8.36
N GLU A 638 -16.47 -30.27 -7.78
CA GLU A 638 -15.75 -31.53 -7.91
C GLU A 638 -15.42 -31.84 -9.36
N GLN A 639 -16.43 -31.85 -10.23
CA GLN A 639 -16.22 -32.17 -11.63
C GLN A 639 -15.09 -31.35 -12.24
N LEU A 640 -14.99 -30.08 -11.86
CA LEU A 640 -13.95 -29.22 -12.44
C LEU A 640 -12.58 -29.59 -11.86
N VAL A 641 -12.54 -29.88 -10.56
CA VAL A 641 -11.31 -30.23 -9.87
C VAL A 641 -10.81 -31.59 -10.31
N ALA A 642 -11.74 -32.51 -10.64
CA ALA A 642 -11.37 -33.80 -11.18
C ALA A 642 -10.51 -33.67 -12.43
N ARG A 643 -10.71 -32.62 -13.22
CA ARG A 643 -9.99 -32.44 -14.48
C ARG A 643 -8.78 -31.52 -14.35
N SER A 644 -8.26 -31.35 -13.13
CA SER A 644 -7.38 -30.21 -12.87
C SER A 644 -6.16 -30.67 -12.07
N ASN A 645 -5.08 -29.92 -12.24
CA ASN A 645 -3.87 -30.06 -11.47
C ASN A 645 -3.78 -29.02 -10.36
N ILE A 646 -4.91 -28.39 -10.05
CA ILE A 646 -4.95 -27.33 -9.05
C ILE A 646 -4.19 -27.71 -7.79
N LEU A 647 -4.37 -28.93 -7.30
CA LEU A 647 -3.65 -29.36 -6.10
C LEU A 647 -2.14 -29.40 -6.32
N THR A 648 -1.70 -29.75 -7.51
CA THR A 648 -0.26 -29.80 -7.73
C THR A 648 0.30 -28.40 -7.87
N LEU A 649 -0.46 -27.46 -8.43
CA LEU A 649 -0.06 -26.06 -8.41
C LEU A 649 -0.05 -25.51 -6.99
N MET A 650 -1.10 -25.82 -6.23
CA MET A 650 -1.21 -25.39 -4.84
C MET A 650 -0.01 -25.85 -4.04
N TYR A 651 0.51 -27.03 -4.34
CA TYR A 651 1.63 -27.53 -3.53
C TYR A 651 2.82 -26.58 -3.62
N GLN A 652 3.05 -25.99 -4.79
CA GLN A 652 4.11 -25.01 -4.96
C GLN A 652 3.71 -23.64 -4.44
N CYS A 653 2.44 -23.27 -4.57
CA CYS A 653 1.95 -22.00 -4.00
C CYS A 653 2.15 -21.96 -2.49
N MET A 654 1.86 -23.06 -1.80
CA MET A 654 1.96 -23.11 -0.34
C MET A 654 3.38 -22.90 0.15
N GLN A 655 4.36 -23.09 -0.71
CA GLN A 655 5.76 -22.98 -0.34
C GLN A 655 6.35 -21.71 -0.87
N ASP A 656 5.54 -20.86 -1.49
CA ASP A 656 6.04 -19.62 -2.05
C ASP A 656 6.57 -18.71 -0.97
N LYS A 657 7.58 -17.93 -1.34
CA LYS A 657 8.22 -16.95 -0.48
C LYS A 657 7.27 -15.82 -0.11
N MET A 658 6.31 -15.52 -0.97
CA MET A 658 5.44 -14.37 -0.76
C MET A 658 4.28 -14.72 0.16
N PRO A 659 4.15 -14.07 1.31
CA PRO A 659 3.09 -14.42 2.27
C PRO A 659 1.68 -14.46 1.69
N GLU A 660 1.31 -13.49 0.86
CA GLU A 660 -0.05 -13.45 0.34
C GLU A 660 -0.37 -14.66 -0.53
N VAL A 661 0.63 -15.20 -1.23
CA VAL A 661 0.43 -16.42 -2.02
C VAL A 661 0.11 -17.60 -1.09
N ARG A 662 0.91 -17.79 -0.04
CA ARG A 662 0.62 -18.86 0.90
C ARG A 662 -0.76 -18.67 1.52
N GLN A 663 -1.08 -17.45 1.95
CA GLN A 663 -2.36 -17.16 2.58
C GLN A 663 -3.51 -17.53 1.67
N SER A 664 -3.37 -17.22 0.38
CA SER A 664 -4.42 -17.56 -0.57
C SER A 664 -4.47 -19.06 -0.79
N SER A 665 -3.34 -19.75 -0.74
CA SER A 665 -3.33 -21.16 -1.07
C SER A 665 -3.90 -21.96 0.09
N PHE A 666 -3.59 -21.57 1.33
CA PHE A 666 -4.21 -22.21 2.49
C PHE A 666 -5.71 -21.96 2.53
N ALA A 667 -6.15 -20.77 2.09
CA ALA A 667 -7.58 -20.51 2.00
C ALA A 667 -8.23 -21.45 1.00
N LEU A 668 -7.67 -21.53 -0.20
CA LEU A 668 -8.18 -22.48 -1.18
C LEU A 668 -8.15 -23.90 -0.64
N LEU A 669 -7.09 -24.25 0.10
CA LEU A 669 -7.00 -25.58 0.68
C LEU A 669 -8.18 -25.86 1.59
N GLY A 670 -8.51 -24.92 2.48
CA GLY A 670 -9.66 -25.12 3.35
C GLY A 670 -10.97 -25.24 2.58
N ASP A 671 -11.14 -24.41 1.55
CA ASP A 671 -12.38 -24.48 0.75
C ASP A 671 -12.49 -25.80 0.01
N LEU A 672 -11.40 -26.31 -0.55
CA LEU A 672 -11.47 -27.55 -1.28
C LEU A 672 -11.58 -28.73 -0.33
N THR A 673 -11.02 -28.59 0.87
CA THR A 673 -11.18 -29.61 1.90
C THR A 673 -12.65 -29.79 2.22
N LYS A 674 -13.38 -28.67 2.35
CA LYS A 674 -14.81 -28.74 2.60
C LYS A 674 -15.57 -29.22 1.37
N ALA A 675 -15.21 -28.74 0.19
CA ALA A 675 -16.00 -28.94 -1.01
C ALA A 675 -15.83 -30.31 -1.64
N CYS A 676 -14.60 -30.82 -1.74
CA CYS A 676 -14.39 -32.10 -2.41
C CYS A 676 -13.12 -32.75 -1.85
N PHE A 677 -13.24 -33.28 -0.62
CA PHE A 677 -12.08 -33.83 0.09
C PHE A 677 -11.48 -35.02 -0.64
N GLN A 678 -12.28 -35.76 -1.42
CA GLN A 678 -11.79 -36.95 -2.09
C GLN A 678 -10.55 -36.67 -2.93
N HIS A 679 -10.45 -35.49 -3.54
CA HIS A 679 -9.27 -35.11 -4.32
C HIS A 679 -8.12 -34.62 -3.45
N VAL A 680 -8.38 -34.29 -2.19
CA VAL A 680 -7.37 -33.70 -1.31
C VAL A 680 -6.68 -34.77 -0.49
N LYS A 681 -7.46 -35.73 0.03
CA LYS A 681 -6.94 -36.83 0.85
C LYS A 681 -5.60 -37.41 0.42
N PRO A 682 -5.34 -37.75 -0.84
CA PRO A 682 -4.01 -38.22 -1.21
C PRO A 682 -2.87 -37.27 -0.85
N CYS A 683 -3.14 -35.98 -0.72
CA CYS A 683 -2.09 -34.99 -0.55
C CYS A 683 -1.86 -34.59 0.89
N ILE A 684 -2.81 -34.90 1.78
CA ILE A 684 -2.77 -34.47 3.17
C ILE A 684 -1.42 -34.74 3.82
N ALA A 685 -0.91 -35.97 3.66
CA ALA A 685 0.37 -36.31 4.28
C ALA A 685 1.50 -35.38 3.85
N ASP A 686 1.42 -34.83 2.63
CA ASP A 686 2.38 -33.83 2.19
C ASP A 686 2.03 -32.41 2.66
N PHE A 687 0.76 -32.04 2.55
CA PHE A 687 0.28 -30.69 2.89
C PHE A 687 0.44 -30.36 4.37
N MET A 688 0.18 -31.32 5.25
CA MET A 688 0.16 -31.07 6.68
C MET A 688 1.48 -30.53 7.24
N PRO A 689 2.65 -31.08 6.96
CA PRO A 689 3.88 -30.52 7.56
C PRO A 689 4.10 -29.06 7.16
N ILE A 690 3.53 -28.63 6.05
CA ILE A 690 3.66 -27.24 5.61
C ILE A 690 2.72 -26.35 6.40
N LEU A 691 1.47 -26.79 6.56
CA LEU A 691 0.58 -26.07 7.45
C LEU A 691 1.24 -25.94 8.81
N GLY A 692 1.88 -27.00 9.27
CA GLY A 692 2.57 -26.98 10.54
C GLY A 692 3.71 -25.99 10.57
N THR A 693 4.33 -25.73 9.42
CA THR A 693 5.42 -24.77 9.38
C THR A 693 4.96 -23.34 9.09
N ASN A 694 3.67 -23.12 8.84
CA ASN A 694 3.13 -21.77 8.63
C ASN A 694 2.24 -21.29 9.77
N LEU A 695 2.34 -21.89 10.95
CA LEU A 695 1.68 -21.37 12.15
C LEU A 695 2.58 -20.36 12.86
N ASN A 696 2.99 -19.35 12.11
CA ASN A 696 3.82 -18.27 12.61
C ASN A 696 3.00 -16.99 12.74
N PRO A 697 2.74 -16.53 13.96
CA PRO A 697 1.86 -15.36 14.14
C PRO A 697 2.42 -14.06 13.59
N GLU A 698 3.71 -14.00 13.24
CA GLU A 698 4.25 -12.83 12.55
C GLU A 698 3.47 -12.52 11.27
N PHE A 699 2.99 -13.55 10.58
CA PHE A 699 2.15 -13.41 9.39
C PHE A 699 0.71 -13.80 9.74
N ILE A 700 -0.05 -12.82 10.24
CA ILE A 700 -1.36 -13.07 10.83
C ILE A 700 -2.24 -13.89 9.88
N SER A 701 -2.37 -13.47 8.62
CA SER A 701 -3.36 -14.09 7.75
C SER A 701 -2.89 -15.43 7.19
N VAL A 702 -1.58 -15.66 7.12
CA VAL A 702 -1.08 -16.97 6.75
C VAL A 702 -1.35 -17.94 7.90
N CYS A 703 -0.94 -17.56 9.11
CA CYS A 703 -1.22 -18.36 10.29
C CYS A 703 -2.70 -18.67 10.41
N ASN A 704 -3.54 -17.64 10.25
CA ASN A 704 -4.99 -17.82 10.32
C ASN A 704 -5.48 -18.85 9.31
N ASN A 705 -5.15 -18.65 8.03
CA ASN A 705 -5.71 -19.53 7.00
C ASN A 705 -5.17 -20.96 7.15
N ALA A 706 -3.90 -21.10 7.53
CA ALA A 706 -3.37 -22.42 7.88
C ALA A 706 -4.18 -23.06 9.00
N THR A 707 -4.39 -22.33 10.10
CA THR A 707 -5.16 -22.84 11.24
C THR A 707 -6.55 -23.29 10.81
N TRP A 708 -7.24 -22.45 10.06
CA TRP A 708 -8.59 -22.81 9.62
C TRP A 708 -8.51 -24.08 8.80
N ALA A 709 -7.58 -24.13 7.85
CA ALA A 709 -7.38 -25.31 7.03
C ALA A 709 -7.24 -26.56 7.90
N ILE A 710 -6.42 -26.48 8.96
CA ILE A 710 -6.18 -27.65 9.80
C ILE A 710 -7.42 -28.02 10.56
N GLY A 711 -8.28 -27.05 10.85
CA GLY A 711 -9.56 -27.38 11.46
C GLY A 711 -10.48 -28.11 10.51
N GLU A 712 -10.58 -27.62 9.28
CA GLU A 712 -11.43 -28.28 8.31
C GLU A 712 -10.92 -29.66 7.95
N ILE A 713 -9.60 -29.81 7.85
CA ILE A 713 -9.07 -31.10 7.45
C ILE A 713 -9.28 -32.12 8.56
N SER A 714 -9.07 -31.67 9.82
CA SER A 714 -9.36 -32.45 11.02
C SER A 714 -10.71 -33.16 10.91
N ILE A 715 -11.76 -32.38 10.65
CA ILE A 715 -13.12 -32.88 10.59
C ILE A 715 -13.27 -33.98 9.53
N GLN A 716 -12.52 -33.89 8.44
CA GLN A 716 -12.61 -34.90 7.40
C GLN A 716 -11.79 -36.14 7.75
N MET A 717 -10.68 -35.97 8.46
CA MET A 717 -9.84 -37.09 8.91
C MET A 717 -10.53 -37.91 10.00
N MET A 721 -6.32 -38.78 12.41
CA MET A 721 -5.11 -38.13 11.90
C MET A 721 -4.05 -37.96 12.98
N GLN A 722 -4.02 -38.93 13.90
CA GLN A 722 -3.20 -38.84 15.10
C GLN A 722 -1.75 -38.44 14.85
N PRO A 723 -1.03 -39.02 13.88
CA PRO A 723 0.39 -38.67 13.72
C PRO A 723 0.68 -37.22 13.43
N TYR A 724 -0.27 -36.48 12.87
CA TYR A 724 0.04 -35.10 12.52
C TYR A 724 -0.19 -34.15 13.68
N ILE A 725 -0.95 -34.57 14.69
CA ILE A 725 -1.27 -33.68 15.81
C ILE A 725 -0.04 -33.08 16.49
N PRO A 726 0.99 -33.84 16.87
CA PRO A 726 2.11 -33.23 17.62
C PRO A 726 2.82 -32.12 16.88
N MET A 727 2.89 -32.18 15.55
CA MET A 727 3.60 -31.15 14.80
C MET A 727 2.85 -29.83 14.74
N VAL A 728 1.70 -29.70 15.38
CA VAL A 728 0.84 -28.55 15.16
C VAL A 728 0.24 -28.06 16.48
N LEU A 729 -0.05 -28.98 17.40
CA LEU A 729 -0.80 -28.64 18.61
C LEU A 729 -0.04 -27.63 19.46
N HIS A 730 1.20 -27.94 19.82
CA HIS A 730 1.99 -27.02 20.63
C HIS A 730 1.94 -25.60 20.08
N GLN A 731 2.07 -25.44 18.76
CA GLN A 731 2.06 -24.09 18.19
C GLN A 731 0.71 -23.44 18.40
N LEU A 732 -0.36 -24.20 18.20
CA LEU A 732 -1.69 -23.63 18.36
C LEU A 732 -1.89 -23.18 19.80
N VAL A 733 -1.37 -23.95 20.76
CA VAL A 733 -1.52 -23.52 22.15
C VAL A 733 -0.75 -22.25 22.40
N GLU A 734 0.43 -22.12 21.80
CA GLU A 734 1.21 -20.90 21.91
C GLU A 734 0.41 -19.72 21.36
N ILE A 735 -0.25 -19.94 20.23
CA ILE A 735 -0.97 -18.85 19.60
C ILE A 735 -2.16 -18.44 20.45
N ILE A 736 -2.81 -19.41 21.12
CA ILE A 736 -4.00 -19.05 21.87
C ILE A 736 -3.69 -18.36 23.19
N ASN A 737 -2.47 -18.44 23.70
CA ASN A 737 -2.09 -17.69 24.89
C ASN A 737 -1.33 -16.41 24.57
N ARG A 738 -1.32 -15.97 23.33
CA ARG A 738 -0.44 -14.87 22.96
C ARG A 738 -1.22 -13.57 23.07
N PRO A 739 -0.72 -12.57 23.80
CA PRO A 739 -1.47 -11.31 23.95
C PRO A 739 -1.57 -10.44 22.72
N ASN A 740 -2.02 -11.00 21.59
CA ASN A 740 -2.16 -10.24 20.36
C ASN A 740 -3.19 -10.88 19.43
N THR A 741 -3.93 -10.00 18.77
CA THR A 741 -4.98 -10.16 17.77
C THR A 741 -6.22 -10.70 18.49
N PRO A 742 -6.53 -10.19 19.74
CA PRO A 742 -7.67 -10.74 20.49
C PRO A 742 -8.96 -10.78 19.66
N LYS A 743 -8.90 -11.37 18.45
CA LYS A 743 -10.07 -11.47 17.60
C LYS A 743 -10.14 -12.73 16.76
N THR A 744 -10.01 -12.54 15.45
CA THR A 744 -10.23 -13.62 14.49
C THR A 744 -9.17 -14.70 14.54
N LEU A 745 -7.89 -14.34 14.68
CA LEU A 745 -6.88 -15.39 14.79
C LEU A 745 -7.12 -16.30 15.98
N LEU A 746 -7.52 -15.75 17.13
CA LEU A 746 -7.68 -16.59 18.31
C LEU A 746 -8.89 -17.51 18.20
N GLU A 747 -9.99 -16.99 17.65
CA GLU A 747 -11.20 -17.79 17.45
C GLU A 747 -10.93 -18.99 16.56
N ASN A 748 -10.26 -18.79 15.42
CA ASN A 748 -9.97 -19.92 14.57
C ASN A 748 -9.05 -20.89 15.29
N THR A 749 -8.01 -20.38 15.96
CA THR A 749 -7.16 -21.26 16.73
C THR A 749 -7.99 -22.07 17.72
N ALA A 750 -8.92 -21.40 18.40
CA ALA A 750 -9.76 -22.09 19.36
C ALA A 750 -10.60 -23.15 18.67
N ILE A 751 -11.29 -22.77 17.60
CA ILE A 751 -12.08 -23.74 16.86
C ILE A 751 -11.21 -24.92 16.46
N THR A 752 -10.03 -24.64 15.91
CA THR A 752 -9.16 -25.75 15.46
C THR A 752 -8.74 -26.60 16.64
N ILE A 753 -8.34 -25.96 17.74
CA ILE A 753 -8.01 -26.72 18.94
C ILE A 753 -9.23 -27.50 19.38
N GLY A 754 -10.40 -26.84 19.36
CA GLY A 754 -11.65 -27.53 19.61
C GLY A 754 -11.85 -28.71 18.70
N ARG A 755 -11.55 -28.56 17.42
CA ARG A 755 -11.78 -29.65 16.51
C ARG A 755 -10.80 -30.78 16.80
N LEU A 756 -9.54 -30.44 17.03
CA LEU A 756 -8.52 -31.41 17.46
C LEU A 756 -8.90 -32.09 18.79
N GLY A 757 -10.15 -31.80 19.22
CA GLY A 757 -10.85 -32.26 20.43
C GLY A 757 -11.17 -33.73 20.47
N TYR A 758 -11.21 -34.35 19.28
CA TYR A 758 -11.52 -35.77 19.18
C TYR A 758 -10.27 -36.62 19.36
N VAL A 759 -9.39 -36.19 20.27
CA VAL A 759 -8.15 -36.91 20.53
C VAL A 759 -7.86 -36.95 22.03
N CYS A 760 -6.81 -37.68 22.40
CA CYS A 760 -6.42 -37.81 23.80
C CYS A 760 -5.45 -36.70 24.20
N PRO A 761 -5.96 -35.48 24.31
CA PRO A 761 -5.14 -34.33 24.68
C PRO A 761 -4.81 -34.34 26.17
N GLN A 762 -4.07 -33.33 26.63
CA GLN A 762 -3.68 -33.22 28.03
C GLN A 762 -3.99 -31.83 28.58
N GLN A 770 -3.68 -24.57 31.61
CA GLN A 770 -4.15 -25.20 30.39
C GLN A 770 -4.15 -24.21 29.21
N PHE A 771 -5.30 -24.11 28.56
CA PHE A 771 -5.53 -23.24 27.45
C PHE A 771 -7.00 -22.96 27.41
N ILE A 772 -7.75 -23.52 28.35
CA ILE A 772 -9.21 -23.35 28.30
C ILE A 772 -9.63 -21.95 28.66
N ARG A 773 -8.82 -21.31 29.44
CA ARG A 773 -9.15 -19.92 29.70
C ARG A 773 -9.29 -19.12 28.40
N PRO A 774 -8.24 -18.88 27.59
CA PRO A 774 -8.47 -18.07 26.38
C PRO A 774 -9.39 -18.71 25.36
N TRP A 775 -9.38 -20.04 25.24
CA TRP A 775 -10.29 -20.72 24.33
C TRP A 775 -11.72 -20.31 24.59
N CYS A 776 -12.11 -20.39 25.85
CA CYS A 776 -13.46 -20.03 26.21
C CYS A 776 -13.69 -18.55 26.00
N THR A 777 -12.76 -17.73 26.49
CA THR A 777 -12.85 -16.30 26.30
C THR A 777 -13.06 -15.96 24.83
N SER A 778 -12.24 -16.58 23.97
CA SER A 778 -12.33 -16.30 22.54
C SER A 778 -13.66 -16.76 21.95
N LEU A 779 -14.09 -17.99 22.30
CA LEU A 779 -15.21 -18.59 21.60
C LEU A 779 -16.57 -18.17 22.15
N ARG A 780 -16.65 -17.67 23.37
CA ARG A 780 -17.92 -17.21 23.93
C ARG A 780 -18.52 -16.05 23.14
N ASN A 781 -17.69 -15.24 22.51
CA ASN A 781 -18.10 -14.07 21.73
C ASN A 781 -18.46 -14.33 20.27
N ILE A 782 -18.43 -15.58 19.77
CA ILE A 782 -18.76 -15.78 18.35
C ILE A 782 -20.20 -16.25 18.18
N ARG A 783 -20.72 -15.93 17.00
CA ARG A 783 -22.08 -16.28 16.62
C ARG A 783 -22.23 -17.79 16.65
N ASP A 784 -23.45 -18.25 16.91
CA ASP A 784 -23.75 -19.68 16.91
C ASP A 784 -23.81 -20.24 15.50
N ASN A 785 -22.79 -21.02 15.12
CA ASN A 785 -22.78 -21.64 13.80
C ASN A 785 -22.16 -23.03 13.90
N GLU A 786 -21.95 -23.66 12.73
CA GLU A 786 -21.41 -25.00 12.67
C GLU A 786 -20.03 -25.09 13.32
N GLU A 787 -19.17 -24.09 13.06
CA GLU A 787 -17.80 -24.12 13.58
C GLU A 787 -17.82 -24.14 15.09
N LYS A 788 -18.64 -23.27 15.68
CA LYS A 788 -18.74 -23.21 17.13
C LYS A 788 -19.23 -24.56 17.66
N ASP A 789 -20.24 -25.13 17.02
CA ASP A 789 -20.72 -26.47 17.37
C ASP A 789 -19.56 -27.48 17.42
N SER A 790 -18.84 -27.65 16.30
CA SER A 790 -17.71 -28.57 16.23
C SER A 790 -16.74 -28.36 17.39
N ALA A 791 -16.38 -27.11 17.66
CA ALA A 791 -15.39 -26.86 18.69
C ALA A 791 -15.92 -27.20 20.07
N PHE A 792 -17.23 -27.03 20.29
CA PHE A 792 -17.79 -27.35 21.59
C PHE A 792 -17.94 -28.86 21.78
N ARG A 793 -18.27 -29.59 20.71
CA ARG A 793 -18.22 -31.05 20.76
C ARG A 793 -16.83 -31.50 21.17
N GLY A 794 -15.82 -30.89 20.56
CA GLY A 794 -14.45 -31.19 20.94
C GLY A 794 -14.17 -30.92 22.40
N ILE A 795 -14.64 -29.78 22.93
CA ILE A 795 -14.32 -29.47 24.32
C ILE A 795 -15.07 -30.41 25.24
N CYS A 796 -16.23 -30.91 24.82
CA CYS A 796 -16.93 -31.87 25.66
C CYS A 796 -16.19 -33.19 25.70
N THR A 797 -15.77 -33.69 24.54
CA THR A 797 -15.01 -34.95 24.52
C THR A 797 -13.73 -34.82 25.34
N MET A 798 -13.01 -33.72 25.15
CA MET A 798 -11.77 -33.46 25.86
C MET A 798 -11.93 -33.32 27.38
N ILE A 799 -12.98 -32.66 27.84
CA ILE A 799 -13.22 -32.54 29.28
C ILE A 799 -13.45 -33.91 29.92
N SER A 800 -14.18 -34.79 29.23
CA SER A 800 -14.40 -36.14 29.73
C SER A 800 -13.10 -36.92 29.96
N VAL A 801 -12.06 -36.66 29.16
CA VAL A 801 -10.80 -37.40 29.33
C VAL A 801 -9.87 -36.82 30.40
N ASN A 802 -9.82 -35.51 30.60
CA ASN A 802 -8.93 -34.93 31.62
C ASN A 802 -9.63 -33.81 32.38
N PRO A 803 -10.61 -34.13 33.23
CA PRO A 803 -11.37 -33.09 33.92
C PRO A 803 -10.53 -32.27 34.91
N ASP A 809 -11.50 -28.20 33.14
CA ASP A 809 -10.87 -28.43 34.43
C ASP A 809 -11.35 -27.45 35.50
N PHE A 810 -10.64 -27.45 36.62
CA PHE A 810 -10.98 -26.69 37.81
C PHE A 810 -10.87 -25.21 37.52
N ILE A 811 -11.55 -24.75 36.47
CA ILE A 811 -11.58 -23.34 36.10
C ILE A 811 -12.82 -23.03 35.26
N PHE A 812 -14.01 -23.16 35.85
CA PHE A 812 -15.22 -22.84 35.11
C PHE A 812 -15.36 -21.43 34.55
N PHE A 813 -15.28 -21.48 33.22
CA PHE A 813 -15.33 -20.62 32.03
C PHE A 813 -16.26 -21.32 31.05
N CYS A 814 -16.05 -22.64 30.90
CA CYS A 814 -16.91 -23.49 30.08
C CYS A 814 -18.36 -23.20 30.38
N ASP A 815 -18.70 -23.16 31.66
CA ASP A 815 -20.08 -22.88 32.02
C ASP A 815 -20.51 -21.50 31.51
N ALA A 816 -19.66 -20.47 31.67
CA ALA A 816 -20.05 -19.14 31.20
C ALA A 816 -20.19 -19.14 29.68
N VAL A 817 -19.27 -19.84 29.03
CA VAL A 817 -19.19 -20.06 27.59
C VAL A 817 -20.37 -20.89 27.09
N ALA A 818 -20.80 -21.88 27.88
CA ALA A 818 -21.92 -22.76 27.57
C ALA A 818 -23.23 -22.02 27.32
N SER A 819 -23.34 -20.74 27.68
CA SER A 819 -24.59 -20.02 27.43
C SER A 819 -24.85 -19.71 25.94
N TRP A 820 -25.17 -20.80 25.24
CA TRP A 820 -25.62 -20.91 23.85
C TRP A 820 -27.01 -20.35 23.59
N ILE A 821 -27.12 -19.41 22.66
CA ILE A 821 -28.44 -18.97 22.20
C ILE A 821 -28.95 -20.03 21.23
N ASN A 822 -29.74 -20.95 21.74
CA ASN A 822 -30.42 -22.14 21.23
C ASN A 822 -29.54 -23.20 20.55
N PRO A 823 -28.85 -24.01 21.35
CA PRO A 823 -28.00 -25.08 20.83
C PRO A 823 -28.86 -26.26 20.41
N LYS A 824 -28.43 -26.96 19.37
CA LYS A 824 -29.13 -28.20 19.00
C LYS A 824 -29.19 -29.18 20.17
N ASP A 825 -30.29 -29.97 20.20
CA ASP A 825 -30.66 -30.80 21.35
C ASP A 825 -29.58 -31.77 21.80
N ASP A 826 -28.91 -32.45 20.88
CA ASP A 826 -27.87 -33.39 21.32
C ASP A 826 -26.71 -32.64 21.98
N LEU A 827 -26.37 -31.46 21.44
CA LEU A 827 -25.32 -30.67 22.05
C LEU A 827 -25.76 -30.18 23.43
N ARG A 828 -27.03 -29.85 23.59
CA ARG A 828 -27.53 -29.41 24.88
C ARG A 828 -27.39 -30.54 25.89
N ASP A 829 -27.85 -31.73 25.53
CA ASP A 829 -27.74 -32.88 26.42
C ASP A 829 -26.30 -33.17 26.80
N MET A 830 -25.37 -33.05 25.84
CA MET A 830 -23.96 -33.16 26.21
C MET A 830 -23.60 -32.13 27.29
N PHE A 831 -24.02 -30.87 27.08
CA PHE A 831 -23.73 -29.81 28.05
C PHE A 831 -24.28 -30.13 29.44
N CYS A 832 -25.59 -30.35 29.54
CA CYS A 832 -26.17 -30.57 30.86
C CYS A 832 -25.72 -31.88 31.45
N LYS A 833 -25.28 -32.83 30.64
CA LYS A 833 -24.72 -34.05 31.20
C LYS A 833 -23.38 -33.78 31.87
N ILE A 834 -22.53 -32.98 31.24
CA ILE A 834 -21.26 -32.59 31.87
C ILE A 834 -21.48 -31.68 33.08
N LEU A 835 -22.38 -30.70 32.95
CA LEU A 835 -22.71 -29.79 34.05
C LEU A 835 -23.33 -30.53 35.22
N HIS A 836 -24.46 -31.18 34.99
CA HIS A 836 -25.08 -32.07 35.97
C HIS A 836 -24.06 -33.01 36.59
N GLY A 837 -23.22 -33.61 35.75
CA GLY A 837 -22.15 -34.45 36.27
C GLY A 837 -21.33 -33.75 37.33
N PHE A 838 -20.92 -32.51 37.04
CA PHE A 838 -20.16 -31.72 38.02
C PHE A 838 -21.00 -31.43 39.26
N LYS A 839 -22.27 -31.09 39.08
CA LYS A 839 -23.11 -30.76 40.22
C LYS A 839 -23.25 -31.97 41.14
N ASN A 840 -23.36 -33.16 40.55
CA ASN A 840 -23.37 -34.39 41.34
C ASN A 840 -22.02 -34.58 42.02
N GLN A 841 -20.95 -34.14 41.36
CA GLN A 841 -19.60 -34.22 41.92
C GLN A 841 -19.49 -33.29 43.12
N ARG A 848 -23.77 -23.61 45.08
CA ARG A 848 -22.48 -23.52 45.74
C ARG A 848 -22.13 -22.07 46.06
N ARG A 849 -21.04 -21.87 46.79
CA ARG A 849 -20.55 -20.52 47.06
C ARG A 849 -19.94 -19.91 45.81
N PHE A 850 -19.26 -20.76 45.02
CA PHE A 850 -18.68 -20.33 43.76
C PHE A 850 -19.75 -19.90 42.76
N SER A 851 -20.84 -20.66 42.64
CA SER A 851 -21.88 -20.34 41.67
C SER A 851 -22.70 -19.12 42.09
N ASP A 852 -22.51 -18.65 43.31
CA ASP A 852 -23.09 -17.39 43.78
C ASP A 852 -22.64 -16.23 42.91
N GLN A 853 -21.42 -16.31 42.40
CA GLN A 853 -20.78 -15.27 41.60
C GLN A 853 -21.29 -15.19 40.17
N PHE A 854 -22.22 -16.06 39.75
CA PHE A 854 -22.78 -16.00 38.40
C PHE A 854 -23.58 -14.72 38.26
N PRO A 855 -23.29 -13.87 37.27
CA PRO A 855 -24.23 -12.81 36.91
C PRO A 855 -25.62 -13.37 36.64
N LEU A 856 -26.64 -12.55 36.91
CA LEU A 856 -28.04 -12.96 36.73
C LEU A 856 -28.34 -13.60 35.39
N PRO A 857 -27.94 -13.03 34.24
CA PRO A 857 -28.28 -13.70 32.97
C PRO A 857 -27.74 -15.11 32.90
N LEU A 858 -26.49 -15.31 33.33
CA LEU A 858 -25.89 -16.63 33.37
C LEU A 858 -26.64 -17.56 34.31
N LYS A 859 -26.74 -17.17 35.59
CA LYS A 859 -27.41 -18.00 36.59
C LYS A 859 -28.82 -18.39 36.14
N GLU A 860 -29.54 -17.47 35.49
CA GLU A 860 -30.91 -17.74 35.10
C GLU A 860 -30.96 -18.67 33.90
N ARG A 861 -30.10 -18.42 32.91
CA ARG A 861 -30.06 -19.24 31.70
C ARG A 861 -29.73 -20.68 32.06
N LEU A 862 -28.81 -20.86 32.98
CA LEU A 862 -28.38 -22.17 33.43
C LEU A 862 -29.31 -22.75 34.49
N ALA A 863 -30.61 -22.52 34.29
CA ALA A 863 -31.70 -23.24 34.92
C ALA A 863 -32.73 -23.60 33.86
N ALA A 864 -32.85 -22.74 32.83
CA ALA A 864 -33.74 -23.03 31.71
C ALA A 864 -33.30 -24.25 30.91
N PHE A 865 -32.01 -24.37 30.65
CA PHE A 865 -31.47 -25.49 29.91
C PHE A 865 -30.83 -26.52 30.83
N TYR A 866 -29.88 -26.06 31.65
CA TYR A 866 -29.19 -26.93 32.58
C TYR A 866 -28.74 -26.15 33.82
N GLY A 867 -29.46 -26.33 34.92
CA GLY A 867 -29.15 -25.65 36.17
C GLY A 867 -28.34 -26.53 37.11
N PRO B 140 -14.85 -16.55 12.44
CA PRO B 140 -14.29 -17.90 12.28
C PRO B 140 -14.22 -18.30 10.82
N GLY B 141 -13.04 -18.54 10.28
CA GLY B 141 -12.91 -18.71 8.86
C GLY B 141 -11.65 -18.03 8.35
N LYS B 142 -11.57 -17.93 7.02
CA LYS B 142 -10.35 -17.46 6.41
C LYS B 142 -10.33 -15.95 6.37
N MET B 143 -9.13 -15.39 6.39
CA MET B 143 -8.92 -13.97 6.14
C MET B 143 -8.52 -13.75 4.70
N ASP B 144 -9.19 -12.80 4.05
CA ASP B 144 -8.86 -12.41 2.69
C ASP B 144 -8.55 -10.92 2.65
N SER B 145 -7.89 -10.50 1.58
CA SER B 145 -7.46 -9.12 1.43
C SER B 145 -8.29 -8.31 0.43
N ARG B 146 -9.36 -8.89 -0.13
CA ARG B 146 -10.17 -8.19 -1.13
C ARG B 146 -10.56 -6.78 -0.67
N GLY B 147 -11.21 -6.70 0.49
CA GLY B 147 -11.67 -5.42 0.98
C GLY B 147 -10.56 -4.40 1.14
N GLU B 148 -9.47 -4.78 1.80
CA GLU B 148 -8.31 -3.91 1.87
C GLU B 148 -7.82 -3.47 0.49
N HIS B 149 -7.74 -4.39 -0.47
CA HIS B 149 -7.28 -3.99 -1.80
C HIS B 149 -8.22 -2.96 -2.44
N ARG B 150 -9.53 -3.11 -2.21
CA ARG B 150 -10.49 -2.15 -2.74
C ARG B 150 -10.36 -0.80 -2.06
N GLN B 151 -10.19 -0.78 -0.74
CA GLN B 151 -9.95 0.48 -0.05
C GLN B 151 -8.71 1.17 -0.58
N ASP B 152 -7.64 0.42 -0.85
CA ASP B 152 -6.43 1.00 -1.44
C ASP B 152 -6.72 1.61 -2.80
N ARG B 153 -7.60 1.01 -3.58
CA ARG B 153 -7.86 1.55 -4.91
C ARG B 153 -8.87 2.71 -4.88
N ARG B 154 -9.52 2.92 -3.74
CA ARG B 154 -10.63 3.86 -3.63
C ARG B 154 -10.16 5.31 -3.72
N GLU B 155 -10.98 6.14 -4.34
CA GLU B 155 -10.66 7.57 -4.51
C GLU B 155 -10.48 8.26 -3.17
N ARG B 156 -9.43 9.08 -3.08
CA ARG B 156 -9.10 9.81 -1.86
C ARG B 156 -8.56 11.20 -2.20
N PRO B 157 -9.02 12.22 -1.49
CA PRO B 157 -8.56 13.58 -1.78
C PRO B 157 -7.15 13.89 -1.31
N TYR B 158 -6.60 13.10 -0.38
CA TYR B 158 -5.19 13.21 0.02
C TYR B 158 -4.65 11.90 0.54
#